data_5FZP
#
_entry.id   5FZP
#
_cell.length_a   61.010
_cell.length_b   101.130
_cell.length_c   114.660
_cell.angle_alpha   90.00
_cell.angle_beta   90.00
_cell.angle_gamma   90.00
#
_symmetry.space_group_name_H-M   'P 21 21 21'
#
loop_
_entity.id
_entity.type
_entity.pdbx_description
1 polymer 'DISPASE AUTOLYSIS-INDUCING PROTEIN'
2 non-polymer GLYCEROL
3 non-polymer 'CALCIUM ION'
4 water water
#
_entity_poly.entity_id   1
_entity_poly.type   'polypeptide(L)'
_entity_poly.pdbx_seq_one_letter_code
;ADSTSGWRAPSCTKVTGDGAVTFTTDDGATLAPTTGTLQSVSYTHGLVALDTPNTLLATHNDELQRSTDAGCTWTKVATL
GSGSTWLTAATGGRAFAWEKNGGYLARVDGRTVTKLSSPSADIVGVGTDKARRDHVRLAGSDGQLYDSTDAGATWKPLGK
LAFGPGASVYTVSFDPADLDHAVAGGMTTGGAVTTDGGATWTAATGLSATAGGKSNLFAASVSPADRNVVYALGIDLVEA
APNSGAEGRHLYRSTDGGRTYTRIVDDTPDTELTNSTLLAPSPVDPNVLYFEYGTYFQAYGTDLYRYDARTGKVGKTHNA
HDGISAIAFNPARPSVMYLGLEEVQIHH
;
_entity_poly.pdbx_strand_id   A,B
#
loop_
_chem_comp.id
_chem_comp.type
_chem_comp.name
_chem_comp.formula
CA non-polymer 'CALCIUM ION' 'Ca 2'
GOL non-polymer GLYCEROL 'C3 H8 O3'
#
# COMPACT_ATOMS: atom_id res chain seq x y z
N ASP A 2 18.26 -42.52 -31.36
CA ASP A 2 18.10 -42.59 -29.91
C ASP A 2 17.51 -41.29 -29.34
N SER A 3 16.44 -41.43 -28.55
CA SER A 3 15.67 -40.30 -28.04
C SER A 3 15.73 -40.28 -26.52
N THR A 4 15.28 -39.15 -25.95
CA THR A 4 15.41 -38.92 -24.51
C THR A 4 14.08 -38.65 -23.80
N SER A 5 13.11 -38.02 -24.48
CA SER A 5 11.82 -37.65 -23.87
C SER A 5 12.05 -36.68 -22.72
N GLY A 6 12.35 -35.43 -23.04
CA GLY A 6 12.55 -34.40 -22.05
C GLY A 6 11.28 -33.60 -21.78
N TRP A 7 11.47 -32.42 -21.20
CA TRP A 7 10.34 -31.54 -20.93
C TRP A 7 9.58 -31.21 -22.21
N ARG A 8 8.25 -31.23 -22.11
CA ARG A 8 7.35 -30.86 -23.19
C ARG A 8 6.28 -29.92 -22.66
N ALA A 9 5.61 -29.22 -23.57
CA ALA A 9 4.41 -28.49 -23.18
C ALA A 9 3.31 -29.49 -22.79
N PRO A 10 2.39 -29.10 -21.91
CA PRO A 10 1.36 -30.05 -21.48
C PRO A 10 0.56 -30.57 -22.66
N SER A 11 0.43 -31.89 -22.71
N SER A 11 0.28 -31.87 -22.68
CA SER A 11 -0.33 -32.62 -23.73
CA SER A 11 -0.48 -32.41 -23.80
C SER A 11 -1.76 -32.85 -23.27
C SER A 11 -1.96 -32.03 -23.73
N CYS A 12 -2.42 -31.76 -22.87
N CYS A 12 -2.45 -31.75 -22.53
CA CYS A 12 -3.78 -31.84 -22.40
CA CYS A 12 -3.86 -31.74 -22.20
C CYS A 12 -4.47 -30.51 -22.63
C CYS A 12 -4.54 -30.41 -22.54
N THR A 13 -5.76 -30.50 -22.39
N THR A 13 -5.88 -30.43 -22.50
CA THR A 13 -6.57 -29.31 -22.54
CA THR A 13 -6.68 -29.22 -22.58
C THR A 13 -7.23 -28.88 -21.25
C THR A 13 -7.36 -28.86 -21.27
N LYS A 14 -7.52 -29.81 -20.34
CA LYS A 14 -7.99 -29.50 -19.00
C LYS A 14 -7.05 -30.19 -18.01
N VAL A 15 -6.99 -29.65 -16.80
CA VAL A 15 -6.09 -30.14 -15.76
C VAL A 15 -6.89 -30.98 -14.77
N THR A 16 -6.41 -32.19 -14.49
CA THR A 16 -7.01 -33.03 -13.46
C THR A 16 -6.32 -32.71 -12.13
N GLY A 17 -7.05 -32.05 -11.23
CA GLY A 17 -6.50 -31.66 -9.95
C GLY A 17 -7.53 -30.87 -9.18
N ASP A 18 -7.16 -30.51 -7.94
CA ASP A 18 -8.13 -29.91 -7.04
C ASP A 18 -8.40 -28.43 -7.35
N GLY A 19 -7.77 -27.88 -8.38
CA GLY A 19 -8.01 -26.49 -8.77
C GLY A 19 -6.98 -25.50 -8.28
N ALA A 20 -6.02 -25.91 -7.44
CA ALA A 20 -5.03 -24.97 -6.93
C ALA A 20 -3.98 -24.59 -7.96
N VAL A 21 -3.74 -25.42 -8.96
CA VAL A 21 -2.75 -25.15 -9.99
C VAL A 21 -3.38 -25.31 -11.36
N THR A 22 -3.18 -24.33 -12.23
CA THR A 22 -3.54 -24.47 -13.63
C THR A 22 -2.39 -23.92 -14.47
N PHE A 23 -2.58 -23.85 -15.79
CA PHE A 23 -1.56 -23.23 -16.63
C PHE A 23 -2.24 -22.33 -17.65
N THR A 24 -1.45 -21.44 -18.22
CA THR A 24 -1.88 -20.54 -19.29
C THR A 24 -0.83 -20.57 -20.39
N THR A 25 -1.30 -20.49 -21.63
CA THR A 25 -0.40 -20.41 -22.77
C THR A 25 -0.35 -19.01 -23.35
N ASP A 26 -1.10 -18.06 -22.80
CA ASP A 26 -1.25 -16.73 -23.41
C ASP A 26 -1.18 -15.64 -22.35
N ASP A 27 -0.26 -15.80 -21.40
CA ASP A 27 0.01 -14.78 -20.38
C ASP A 27 -1.22 -14.48 -19.51
N GLY A 28 -2.10 -15.47 -19.31
CA GLY A 28 -3.25 -15.31 -18.45
C GLY A 28 -4.52 -14.88 -19.14
N ALA A 29 -4.50 -14.66 -20.45
CA ALA A 29 -5.74 -14.37 -21.16
C ALA A 29 -6.74 -15.51 -21.00
N THR A 30 -6.26 -16.76 -21.05
CA THR A 30 -7.07 -17.93 -20.79
C THR A 30 -6.35 -18.83 -19.81
N LEU A 31 -7.12 -19.47 -18.93
CA LEU A 31 -6.60 -20.42 -17.97
C LEU A 31 -7.20 -21.79 -18.26
N ALA A 32 -6.36 -22.82 -18.21
CA ALA A 32 -6.86 -24.16 -18.46
C ALA A 32 -7.91 -24.51 -17.42
N PRO A 33 -9.04 -25.11 -17.82
CA PRO A 33 -10.01 -25.55 -16.81
C PRO A 33 -9.43 -26.66 -15.95
N THR A 34 -9.88 -26.71 -14.71
CA THR A 34 -9.47 -27.75 -13.78
C THR A 34 -10.69 -28.60 -13.40
N THR A 35 -10.46 -29.91 -13.24
CA THR A 35 -11.56 -30.78 -12.84
C THR A 35 -12.12 -30.35 -11.48
N GLY A 36 -11.25 -30.05 -10.52
CA GLY A 36 -11.69 -29.61 -9.21
C GLY A 36 -11.93 -28.11 -9.12
N THR A 37 -12.71 -27.72 -8.12
CA THR A 37 -13.03 -26.34 -7.87
C THR A 37 -12.33 -25.89 -6.58
N LEU A 38 -11.47 -24.88 -6.69
CA LEU A 38 -10.70 -24.44 -5.54
C LEU A 38 -11.62 -23.90 -4.45
N GLN A 39 -11.38 -24.32 -3.22
CA GLN A 39 -12.25 -24.01 -2.08
C GLN A 39 -11.57 -23.02 -1.14
N SER A 40 -12.37 -22.18 -0.50
N SER A 40 -12.37 -22.17 -0.51
CA SER A 40 -11.89 -21.26 0.53
CA SER A 40 -11.86 -21.28 0.53
C SER A 40 -11.71 -22.02 1.84
C SER A 40 -11.65 -22.09 1.79
N VAL A 41 -10.67 -21.71 2.62
CA VAL A 41 -9.67 -20.70 2.30
C VAL A 41 -8.44 -21.41 1.72
N SER A 42 -7.97 -20.98 0.56
CA SER A 42 -6.85 -21.65 -0.11
C SER A 42 -5.81 -20.65 -0.56
N TYR A 43 -4.54 -21.00 -0.33
CA TYR A 43 -3.41 -20.34 -0.96
C TYR A 43 -2.47 -21.41 -1.52
N THR A 44 -1.79 -21.09 -2.61
CA THR A 44 -0.84 -22.01 -3.23
C THR A 44 0.51 -21.29 -3.31
N HIS A 45 1.17 -21.12 -2.16
CA HIS A 45 2.41 -20.36 -2.18
C HIS A 45 3.57 -21.15 -2.78
N GLY A 46 3.49 -22.47 -2.81
CA GLY A 46 4.55 -23.31 -3.33
C GLY A 46 4.23 -23.82 -4.71
N LEU A 47 5.12 -23.55 -5.66
CA LEU A 47 4.98 -24.04 -7.03
C LEU A 47 6.32 -23.95 -7.74
N VAL A 48 6.86 -25.09 -8.19
CA VAL A 48 8.12 -25.09 -8.94
C VAL A 48 8.08 -26.16 -10.03
N ALA A 49 8.70 -25.85 -11.15
CA ALA A 49 9.05 -26.84 -12.15
C ALA A 49 10.44 -27.38 -11.82
N LEU A 50 10.56 -28.70 -11.77
CA LEU A 50 11.84 -29.34 -11.48
C LEU A 50 12.60 -29.61 -12.77
N ASP A 51 13.90 -29.89 -12.64
N ASP A 51 13.89 -29.94 -12.61
CA ASP A 51 14.67 -30.13 -13.86
CA ASP A 51 14.71 -30.28 -13.76
C ASP A 51 14.40 -31.50 -14.46
C ASP A 51 14.21 -31.55 -14.42
N THR A 52 13.86 -32.45 -13.69
N THR A 52 13.84 -32.56 -13.63
CA THR A 52 13.51 -33.74 -14.26
CA THR A 52 13.39 -33.84 -14.17
C THR A 52 12.31 -33.60 -15.19
C THR A 52 12.28 -33.60 -15.18
N PRO A 53 12.32 -34.26 -16.34
CA PRO A 53 11.28 -34.02 -17.37
C PRO A 53 9.86 -34.03 -16.82
N ASN A 54 9.14 -32.94 -17.12
CA ASN A 54 7.69 -32.83 -16.95
C ASN A 54 7.23 -32.95 -15.50
N THR A 55 8.10 -32.65 -14.54
CA THR A 55 7.80 -32.83 -13.13
C THR A 55 7.70 -31.49 -12.42
N LEU A 56 6.63 -31.32 -11.64
CA LEU A 56 6.40 -30.12 -10.84
C LEU A 56 5.96 -30.51 -9.44
N LEU A 57 6.22 -29.61 -8.49
CA LEU A 57 5.70 -29.72 -7.13
C LEU A 57 4.91 -28.47 -6.80
N ALA A 58 3.90 -28.62 -5.96
CA ALA A 58 3.14 -27.48 -5.47
C ALA A 58 2.76 -27.70 -4.02
N THR A 59 2.50 -26.62 -3.29
CA THR A 59 1.87 -26.75 -1.98
C THR A 59 0.61 -25.91 -1.95
N HIS A 60 -0.51 -26.61 -1.81
CA HIS A 60 -1.85 -26.03 -1.67
C HIS A 60 -2.20 -26.13 -0.20
N ASN A 61 -2.14 -25.00 0.51
CA ASN A 61 -2.18 -24.98 1.97
C ASN A 61 -1.15 -25.98 2.50
N ASP A 62 -1.56 -26.95 3.31
CA ASP A 62 -0.59 -27.91 3.86
C ASP A 62 -0.43 -29.17 3.02
N GLU A 63 -0.97 -29.20 1.81
CA GLU A 63 -0.93 -30.40 0.96
C GLU A 63 0.16 -30.25 -0.09
N LEU A 64 1.18 -31.10 0.00
CA LEU A 64 2.19 -31.19 -1.05
C LEU A 64 1.64 -32.00 -2.21
N GLN A 65 1.70 -31.44 -3.42
CA GLN A 65 1.20 -32.05 -4.63
C GLN A 65 2.31 -32.20 -5.66
N ARG A 66 2.12 -33.14 -6.59
CA ARG A 66 3.11 -33.44 -7.60
C ARG A 66 2.44 -33.75 -8.94
N SER A 67 3.13 -33.37 -10.02
CA SER A 67 2.75 -33.72 -11.38
C SER A 67 3.97 -34.27 -12.10
N THR A 68 3.78 -35.36 -12.84
CA THR A 68 4.84 -35.90 -13.68
C THR A 68 4.48 -35.85 -15.15
N ASP A 69 3.40 -35.17 -15.52
CA ASP A 69 3.00 -35.00 -16.91
C ASP A 69 2.85 -33.53 -17.27
N ALA A 70 3.80 -32.70 -16.82
CA ALA A 70 3.88 -31.29 -17.20
C ALA A 70 2.62 -30.51 -16.79
N GLY A 71 1.97 -30.95 -15.72
CA GLY A 71 0.88 -30.21 -15.12
C GLY A 71 -0.49 -30.63 -15.56
N CYS A 72 -0.61 -31.73 -16.30
CA CYS A 72 -1.92 -32.22 -16.71
C CYS A 72 -2.65 -32.93 -15.59
N THR A 73 -1.91 -33.63 -14.72
CA THR A 73 -2.49 -34.35 -13.60
C THR A 73 -1.71 -34.01 -12.34
N TRP A 74 -2.43 -33.70 -11.27
CA TRP A 74 -1.84 -33.37 -9.97
C TRP A 74 -2.37 -34.35 -8.93
N THR A 75 -1.47 -34.91 -8.12
CA THR A 75 -1.85 -35.83 -7.05
C THR A 75 -1.19 -35.43 -5.74
N LYS A 76 -1.87 -35.74 -4.63
CA LYS A 76 -1.33 -35.48 -3.31
C LYS A 76 -0.10 -36.34 -3.03
N VAL A 77 0.94 -35.73 -2.48
CA VAL A 77 2.14 -36.43 -2.02
C VAL A 77 2.08 -36.70 -0.52
N ALA A 78 1.76 -35.66 0.25
CA ALA A 78 1.88 -35.67 1.70
C ALA A 78 1.21 -34.44 2.27
N THR A 79 0.93 -34.49 3.58
CA THR A 79 0.55 -33.33 4.36
C THR A 79 1.80 -32.84 5.08
N LEU A 80 2.14 -31.57 4.90
CA LEU A 80 3.32 -30.99 5.52
C LEU A 80 2.97 -30.41 6.88
N GLY A 81 4.00 -30.17 7.69
CA GLY A 81 3.84 -29.60 9.01
C GLY A 81 3.56 -28.11 9.05
N SER A 82 3.43 -27.47 7.89
CA SER A 82 3.02 -26.07 7.84
C SER A 82 1.98 -25.92 6.74
N GLY A 83 0.99 -25.07 6.98
CA GLY A 83 -0.02 -24.77 5.98
C GLY A 83 0.32 -23.66 5.03
N SER A 84 1.53 -23.10 5.11
CA SER A 84 1.93 -22.02 4.21
C SER A 84 3.42 -22.19 3.91
N THR A 85 3.75 -22.83 2.79
CA THR A 85 5.13 -23.08 2.43
C THR A 85 5.41 -22.62 1.01
N TRP A 86 6.65 -22.22 0.79
CA TRP A 86 7.22 -21.87 -0.50
C TRP A 86 8.14 -23.00 -0.95
N LEU A 87 8.36 -23.13 -2.26
CA LEU A 87 9.21 -24.19 -2.77
C LEU A 87 10.39 -23.61 -3.53
N THR A 88 11.55 -24.24 -3.36
CA THR A 88 12.76 -23.90 -4.08
C THR A 88 13.32 -25.17 -4.70
N ALA A 89 13.36 -25.21 -6.03
CA ALA A 89 13.85 -26.42 -6.70
C ALA A 89 15.35 -26.57 -6.49
N ALA A 90 15.79 -27.83 -6.41
CA ALA A 90 17.20 -28.14 -6.43
C ALA A 90 17.41 -28.93 -7.70
N THR A 91 18.50 -29.66 -7.83
N THR A 91 18.46 -29.76 -7.74
CA THR A 91 18.62 -30.38 -9.09
CA THR A 91 18.75 -30.68 -8.84
C THR A 91 17.85 -31.69 -9.02
C THR A 91 18.51 -32.12 -8.36
N GLY A 92 17.78 -32.34 -10.17
N GLY A 92 17.90 -32.94 -9.22
CA GLY A 92 17.02 -33.58 -10.27
CA GLY A 92 17.70 -34.36 -8.93
C GLY A 92 15.61 -33.43 -9.72
C GLY A 92 16.37 -34.83 -8.33
N GLY A 93 15.26 -34.36 -8.88
CA GLY A 93 13.91 -34.50 -8.39
C GLY A 93 13.67 -33.85 -7.04
N ARG A 94 14.49 -32.88 -6.66
CA ARG A 94 14.53 -32.38 -5.29
C ARG A 94 14.02 -30.96 -5.20
N ALA A 95 13.39 -30.65 -4.08
CA ALA A 95 13.07 -29.26 -3.74
C ALA A 95 13.10 -29.09 -2.23
N PHE A 96 13.19 -27.84 -1.78
CA PHE A 96 13.05 -27.49 -0.37
C PHE A 96 11.75 -26.74 -0.16
N ALA A 97 11.00 -27.16 0.84
CA ALA A 97 9.76 -26.52 1.26
C ALA A 97 10.02 -25.74 2.55
N TRP A 98 9.57 -24.50 2.60
CA TRP A 98 9.91 -23.67 3.75
C TRP A 98 8.83 -22.64 3.99
N GLU A 99 8.60 -22.31 5.26
CA GLU A 99 7.61 -21.30 5.62
C GLU A 99 8.30 -19.94 5.69
N LYS A 100 7.98 -19.07 4.75
CA LYS A 100 8.47 -17.69 4.79
C LYS A 100 8.04 -17.01 6.08
N ASN A 101 9.01 -16.41 6.77
CA ASN A 101 8.84 -15.80 8.09
C ASN A 101 8.38 -16.80 9.14
N GLY A 102 8.73 -18.07 8.93
CA GLY A 102 8.53 -19.12 9.90
C GLY A 102 9.75 -20.01 10.03
N GLY A 103 9.61 -21.12 10.75
CA GLY A 103 10.74 -21.99 10.97
C GLY A 103 10.65 -23.33 10.26
N TYR A 104 9.49 -23.65 9.68
CA TYR A 104 9.31 -24.96 9.04
C TYR A 104 10.21 -25.11 7.81
N LEU A 105 10.90 -26.25 7.72
CA LEU A 105 11.82 -26.54 6.63
C LEU A 105 11.80 -28.05 6.35
N ALA A 106 11.68 -28.42 5.08
CA ALA A 106 11.68 -29.83 4.72
C ALA A 106 12.28 -30.00 3.34
N ARG A 107 12.81 -31.18 3.07
CA ARG A 107 13.35 -31.51 1.76
C ARG A 107 12.40 -32.51 1.10
N VAL A 108 12.12 -32.30 -0.19
CA VAL A 108 11.33 -33.23 -0.97
C VAL A 108 12.24 -33.91 -1.99
N ASP A 109 12.23 -35.24 -2.00
CA ASP A 109 12.93 -36.03 -3.03
C ASP A 109 11.90 -36.96 -3.64
N GLY A 110 11.54 -36.71 -4.89
CA GLY A 110 10.47 -37.50 -5.51
C GLY A 110 9.17 -37.28 -4.74
N ARG A 111 8.67 -38.35 -4.13
CA ARG A 111 7.49 -38.28 -3.26
C ARG A 111 7.84 -38.36 -1.78
N THR A 112 9.13 -38.28 -1.42
CA THR A 112 9.58 -38.48 -0.05
C THR A 112 9.88 -37.14 0.62
N VAL A 113 9.29 -36.91 1.78
CA VAL A 113 9.49 -35.68 2.54
C VAL A 113 10.41 -35.98 3.72
N THR A 114 11.48 -35.21 3.83
CA THR A 114 12.40 -35.31 4.97
C THR A 114 12.32 -34.00 5.74
N LYS A 115 11.73 -34.04 6.93
CA LYS A 115 11.67 -32.83 7.74
C LYS A 115 13.05 -32.47 8.25
N LEU A 116 13.40 -31.18 8.17
CA LEU A 116 14.72 -30.71 8.54
C LEU A 116 14.62 -29.77 9.74
N SER A 117 15.77 -29.46 10.31
N SER A 117 15.76 -29.47 10.33
CA SER A 117 15.89 -28.53 11.43
CA SER A 117 15.86 -28.52 11.44
C SER A 117 16.51 -27.24 10.91
C SER A 117 16.50 -27.24 10.90
N SER A 118 15.69 -26.21 10.73
CA SER A 118 16.17 -24.95 10.18
C SER A 118 17.12 -24.25 11.16
N PRO A 119 18.18 -23.60 10.67
CA PRO A 119 19.00 -22.75 11.54
C PRO A 119 18.36 -21.41 11.86
N SER A 120 17.20 -21.12 11.28
CA SER A 120 16.47 -19.88 11.53
C SER A 120 14.99 -20.16 11.76
N ALA A 121 14.42 -19.51 12.77
CA ALA A 121 12.99 -19.60 13.03
C ALA A 121 12.18 -18.56 12.27
N ASP A 122 12.81 -17.82 11.36
CA ASP A 122 12.21 -16.70 10.65
C ASP A 122 12.89 -16.63 9.27
N ILE A 123 12.57 -17.60 8.41
CA ILE A 123 13.28 -17.80 7.13
C ILE A 123 12.80 -16.79 6.12
N VAL A 124 13.74 -16.11 5.43
CA VAL A 124 13.37 -15.12 4.44
C VAL A 124 13.95 -15.42 3.06
N GLY A 125 14.67 -16.53 2.90
CA GLY A 125 15.18 -16.88 1.59
C GLY A 125 15.88 -18.22 1.57
N VAL A 126 15.83 -18.91 0.44
CA VAL A 126 16.48 -20.20 0.25
C VAL A 126 17.03 -20.25 -1.18
N GLY A 127 18.23 -20.79 -1.33
CA GLY A 127 18.84 -20.93 -2.65
C GLY A 127 19.57 -22.25 -2.75
N THR A 128 19.56 -22.81 -3.97
CA THR A 128 20.19 -24.11 -4.22
C THR A 128 21.32 -23.99 -5.24
N ASP A 129 22.28 -24.90 -5.14
CA ASP A 129 23.47 -24.90 -6.00
C ASP A 129 23.23 -25.85 -7.16
N LYS A 130 23.13 -25.31 -8.39
CA LYS A 130 22.80 -26.14 -9.55
C LYS A 130 23.88 -27.17 -9.82
N ALA A 131 25.12 -26.90 -9.40
CA ALA A 131 26.22 -27.80 -9.67
C ALA A 131 26.45 -28.82 -8.57
N ARG A 132 25.93 -28.59 -7.37
N ARG A 132 25.92 -28.60 -7.38
CA ARG A 132 26.17 -29.47 -6.22
CA ARG A 132 26.17 -29.46 -6.22
C ARG A 132 24.84 -29.77 -5.56
C ARG A 132 24.83 -29.77 -5.55
N ARG A 133 24.34 -30.99 -5.80
CA ARG A 133 23.00 -31.41 -5.41
C ARG A 133 22.69 -31.18 -3.95
N ASP A 134 23.69 -31.35 -3.08
CA ASP A 134 23.49 -31.33 -1.64
C ASP A 134 23.84 -29.98 -1.02
N HIS A 135 24.12 -28.99 -1.84
CA HIS A 135 24.54 -27.67 -1.35
C HIS A 135 23.37 -26.71 -1.42
N VAL A 136 23.00 -26.13 -0.27
CA VAL A 136 21.85 -25.24 -0.19
C VAL A 136 22.18 -24.15 0.83
N ARG A 137 21.64 -22.96 0.59
CA ARG A 137 21.81 -21.84 1.51
C ARG A 137 20.46 -21.30 1.93
N LEU A 138 20.43 -20.65 3.08
CA LEU A 138 19.20 -20.18 3.70
C LEU A 138 19.50 -18.86 4.40
N ALA A 139 18.52 -17.95 4.38
CA ALA A 139 18.65 -16.66 5.07
C ALA A 139 17.61 -16.51 6.16
N GLY A 140 18.05 -15.97 7.30
CA GLY A 140 17.15 -15.58 8.36
C GLY A 140 16.84 -14.09 8.31
N SER A 141 15.77 -13.69 9.01
CA SER A 141 15.26 -12.33 8.98
C SER A 141 16.18 -11.32 9.67
N ASP A 142 17.21 -11.77 10.38
CA ASP A 142 18.20 -10.85 10.89
C ASP A 142 19.27 -10.51 9.86
N GLY A 143 19.20 -11.10 8.67
CA GLY A 143 20.20 -10.90 7.63
C GLY A 143 21.37 -11.86 7.65
N GLN A 144 21.27 -12.94 8.42
CA GLN A 144 22.32 -13.94 8.47
C GLN A 144 22.09 -15.01 7.40
N LEU A 145 23.12 -15.30 6.61
CA LEU A 145 23.07 -16.45 5.72
C LEU A 145 23.61 -17.70 6.42
N TYR A 146 23.14 -18.87 5.96
CA TYR A 146 23.58 -20.17 6.46
C TYR A 146 23.88 -21.08 5.29
N ASP A 147 24.81 -22.01 5.51
CA ASP A 147 25.28 -22.90 4.45
C ASP A 147 25.15 -24.36 4.90
N SER A 148 24.66 -25.21 4.00
CA SER A 148 24.61 -26.65 4.23
C SER A 148 25.20 -27.37 3.02
N THR A 149 26.04 -28.37 3.29
CA THR A 149 26.60 -29.19 2.23
C THR A 149 26.05 -30.61 2.27
N ASP A 150 25.10 -30.91 3.15
CA ASP A 150 24.51 -32.24 3.25
C ASP A 150 23.00 -32.17 3.08
N ALA A 151 22.56 -31.39 2.09
CA ALA A 151 21.15 -31.29 1.68
C ALA A 151 20.25 -30.82 2.82
N GLY A 152 20.78 -29.97 3.71
CA GLY A 152 19.99 -29.36 4.74
C GLY A 152 19.98 -30.08 6.07
N ALA A 153 20.71 -31.19 6.19
CA ALA A 153 20.75 -31.92 7.45
C ALA A 153 21.45 -31.13 8.54
N THR A 154 22.56 -30.47 8.21
CA THR A 154 23.29 -29.63 9.15
C THR A 154 23.65 -28.30 8.49
N TRP A 155 23.85 -27.28 9.34
CA TRP A 155 24.01 -25.92 8.88
C TRP A 155 25.15 -25.25 9.64
N LYS A 156 25.81 -24.31 8.97
CA LYS A 156 26.77 -23.40 9.61
C LYS A 156 26.46 -21.97 9.18
N PRO A 157 26.65 -20.99 10.07
CA PRO A 157 26.54 -19.58 9.64
C PRO A 157 27.56 -19.28 8.56
N LEU A 158 27.16 -18.42 7.62
CA LEU A 158 28.01 -18.03 6.50
C LEU A 158 28.05 -16.52 6.38
N GLY A 159 29.26 -15.94 6.39
CA GLY A 159 29.36 -14.51 6.19
C GLY A 159 28.82 -13.68 7.36
N LYS A 160 28.63 -12.39 7.08
CA LYS A 160 28.19 -11.40 8.05
C LYS A 160 26.75 -11.00 7.78
N LEU A 161 26.12 -10.41 8.80
CA LEU A 161 24.77 -9.88 8.64
C LEU A 161 24.70 -8.86 7.51
N ALA A 162 23.64 -8.97 6.69
CA ALA A 162 23.54 -8.12 5.51
C ALA A 162 23.59 -6.65 5.87
N PHE A 163 22.93 -6.27 6.97
CA PHE A 163 22.91 -4.88 7.39
C PHE A 163 23.53 -4.65 8.76
N GLY A 164 23.69 -5.68 9.57
CA GLY A 164 24.27 -5.52 10.88
C GLY A 164 23.25 -5.72 12.00
N PRO A 165 23.70 -5.52 13.24
CA PRO A 165 22.84 -5.83 14.39
C PRO A 165 21.55 -5.02 14.37
N GLY A 166 20.47 -5.67 14.81
CA GLY A 166 19.19 -5.01 15.01
C GLY A 166 18.51 -4.50 13.76
N ALA A 167 19.00 -4.85 12.58
CA ALA A 167 18.43 -4.35 11.33
C ALA A 167 17.84 -5.55 10.61
N SER A 168 16.52 -5.68 10.65
CA SER A 168 15.85 -6.87 10.14
C SER A 168 15.59 -6.76 8.64
N VAL A 169 15.39 -7.90 8.00
N VAL A 169 15.23 -7.89 8.03
CA VAL A 169 15.30 -7.96 6.55
CA VAL A 169 15.33 -8.09 6.59
C VAL A 169 13.97 -8.57 6.15
C VAL A 169 14.01 -8.69 6.09
N TYR A 170 13.44 -8.08 5.04
CA TYR A 170 12.22 -8.64 4.45
C TYR A 170 12.51 -9.88 3.61
N THR A 171 13.66 -9.91 2.97
CA THR A 171 13.92 -10.94 1.99
C THR A 171 15.41 -11.03 1.71
N VAL A 172 15.85 -12.23 1.35
CA VAL A 172 17.13 -12.42 0.68
C VAL A 172 16.85 -13.28 -0.55
N SER A 173 17.23 -12.77 -1.70
N SER A 173 17.26 -12.79 -1.71
CA SER A 173 17.04 -13.45 -2.98
CA SER A 173 17.00 -13.49 -2.95
C SER A 173 18.39 -13.95 -3.46
C SER A 173 18.32 -13.94 -3.55
N PHE A 174 18.48 -15.25 -3.72
CA PHE A 174 19.70 -15.84 -4.25
C PHE A 174 19.65 -15.90 -5.77
N ASP A 175 20.78 -15.63 -6.39
CA ASP A 175 20.95 -15.84 -7.83
C ASP A 175 20.88 -17.33 -8.14
N PRO A 176 19.95 -17.79 -8.97
CA PRO A 176 19.87 -19.25 -9.22
C PRO A 176 21.11 -19.81 -9.89
N ALA A 177 21.91 -18.97 -10.54
CA ALA A 177 23.13 -19.41 -11.20
C ALA A 177 24.37 -19.30 -10.32
N ASP A 178 24.26 -18.70 -9.13
CA ASP A 178 25.46 -18.45 -8.31
C ASP A 178 25.01 -18.13 -6.88
N LEU A 179 25.10 -19.13 -6.00
CA LEU A 179 24.69 -18.93 -4.62
C LEU A 179 25.54 -17.92 -3.87
N ASP A 180 26.71 -17.51 -4.40
CA ASP A 180 27.49 -16.44 -3.78
C ASP A 180 26.87 -15.07 -4.01
N HIS A 181 25.93 -14.97 -4.95
CA HIS A 181 25.34 -13.70 -5.37
C HIS A 181 23.94 -13.60 -4.77
N ALA A 182 23.74 -12.66 -3.86
CA ALA A 182 22.44 -12.58 -3.21
C ALA A 182 22.11 -11.12 -2.94
N VAL A 183 20.80 -10.82 -2.97
N VAL A 183 20.82 -10.80 -2.98
CA VAL A 183 20.28 -9.49 -2.74
CA VAL A 183 20.33 -9.46 -2.73
C VAL A 183 19.46 -9.50 -1.46
C VAL A 183 19.47 -9.47 -1.49
N ALA A 184 19.74 -8.57 -0.56
CA ALA A 184 19.01 -8.47 0.70
C ALA A 184 18.16 -7.21 0.70
N GLY A 185 16.92 -7.34 1.20
CA GLY A 185 16.02 -6.21 1.28
C GLY A 185 15.63 -5.92 2.71
N GLY A 186 15.83 -4.68 3.15
CA GLY A 186 15.73 -4.33 4.54
C GLY A 186 14.63 -3.32 4.84
N MET A 187 14.37 -3.16 6.14
CA MET A 187 13.38 -2.23 6.67
C MET A 187 14.07 -0.91 6.99
N THR A 188 13.78 0.11 6.18
CA THR A 188 14.36 1.46 6.19
C THR A 188 15.81 1.48 5.70
N THR A 189 16.48 0.32 5.69
CA THR A 189 17.88 0.24 5.29
C THR A 189 18.08 -0.04 3.80
N GLY A 190 17.02 -0.09 3.02
CA GLY A 190 17.16 -0.22 1.57
C GLY A 190 17.64 -1.60 1.17
N GLY A 191 18.48 -1.62 0.14
CA GLY A 191 18.97 -2.88 -0.40
C GLY A 191 20.44 -3.09 -0.21
N ALA A 192 20.88 -4.35 -0.21
CA ALA A 192 22.31 -4.67 -0.24
C ALA A 192 22.52 -5.82 -1.21
N VAL A 193 23.77 -5.99 -1.66
CA VAL A 193 24.10 -7.10 -2.54
C VAL A 193 25.46 -7.67 -2.12
N THR A 194 25.57 -8.99 -2.16
CA THR A 194 26.84 -9.68 -1.97
C THR A 194 27.14 -10.50 -3.22
N THR A 195 28.43 -10.61 -3.56
CA THR A 195 28.89 -11.53 -4.60
C THR A 195 29.83 -12.59 -4.06
N ASP A 196 30.05 -12.64 -2.74
CA ASP A 196 30.97 -13.58 -2.13
C ASP A 196 30.33 -14.31 -0.96
N GLY A 197 29.02 -14.55 -1.05
CA GLY A 197 28.36 -15.34 -0.03
C GLY A 197 28.24 -14.66 1.31
N GLY A 198 28.15 -13.34 1.32
CA GLY A 198 27.92 -12.61 2.55
C GLY A 198 29.17 -12.19 3.30
N ALA A 199 30.36 -12.45 2.74
CA ALA A 199 31.57 -11.91 3.37
C ALA A 199 31.59 -10.39 3.28
N THR A 200 31.16 -9.84 2.15
CA THR A 200 31.04 -8.40 1.94
C THR A 200 29.66 -8.09 1.38
N TRP A 201 29.14 -6.91 1.73
CA TRP A 201 27.83 -6.46 1.29
C TRP A 201 27.91 -5.02 0.79
N THR A 202 27.55 -4.78 -0.46
CA THR A 202 27.51 -3.42 -0.98
C THR A 202 26.12 -2.82 -0.78
N ALA A 203 26.06 -1.61 -0.23
CA ALA A 203 24.76 -0.95 -0.08
C ALA A 203 24.26 -0.45 -1.43
N ALA A 204 23.02 -0.79 -1.77
CA ALA A 204 22.46 -0.40 -3.06
C ALA A 204 22.08 1.07 -3.07
N THR A 205 22.13 1.68 -4.25
CA THR A 205 21.60 3.02 -4.47
C THR A 205 20.47 2.98 -5.51
N GLY A 206 19.70 4.06 -5.56
CA GLY A 206 18.66 4.21 -6.55
C GLY A 206 17.27 3.82 -6.09
N LEU A 207 17.15 3.25 -4.89
CA LEU A 207 15.83 2.92 -4.36
C LEU A 207 15.14 4.14 -3.79
N SER A 208 15.91 5.16 -3.40
N SER A 208 15.91 5.17 -3.43
CA SER A 208 15.38 6.48 -3.12
CA SER A 208 15.40 6.49 -3.11
C SER A 208 15.87 7.45 -4.18
C SER A 208 15.89 7.48 -4.15
N ALA A 209 14.99 8.36 -4.60
CA ALA A 209 15.40 9.44 -5.49
C ALA A 209 16.30 10.45 -4.79
N THR A 210 16.46 10.34 -3.48
CA THR A 210 17.32 11.21 -2.68
C THR A 210 18.57 10.44 -2.27
N ALA A 211 19.73 11.06 -2.45
CA ALA A 211 20.99 10.40 -2.11
C ALA A 211 21.04 10.06 -0.62
N GLY A 212 21.32 8.78 -0.32
CA GLY A 212 21.29 8.30 1.03
C GLY A 212 19.91 8.12 1.64
N GLY A 213 18.85 8.36 0.86
CA GLY A 213 17.51 8.28 1.43
C GLY A 213 17.15 6.88 1.86
N LYS A 214 16.37 6.79 2.95
CA LYS A 214 15.88 5.54 3.47
C LYS A 214 14.86 4.91 2.51
N SER A 215 14.73 3.58 2.60
CA SER A 215 13.73 2.89 1.79
C SER A 215 13.46 1.52 2.39
N ASN A 216 12.32 0.94 2.01
CA ASN A 216 12.00 -0.44 2.31
C ASN A 216 12.11 -1.23 1.02
N LEU A 217 12.88 -2.32 1.04
N LEU A 217 12.89 -2.31 1.03
CA LEU A 217 12.99 -3.24 -0.09
CA LEU A 217 12.98 -3.23 -0.10
C LEU A 217 12.28 -4.53 0.29
C LEU A 217 12.26 -4.51 0.32
N PHE A 218 11.03 -4.68 -0.19
CA PHE A 218 10.16 -5.76 0.28
C PHE A 218 10.46 -7.08 -0.41
N ALA A 219 10.79 -7.03 -1.69
CA ALA A 219 10.92 -8.24 -2.49
C ALA A 219 11.94 -7.98 -3.59
N ALA A 220 12.69 -9.03 -3.93
CA ALA A 220 13.69 -8.96 -4.99
C ALA A 220 13.79 -10.31 -5.66
N SER A 221 14.12 -10.30 -6.95
N SER A 221 14.08 -10.30 -6.97
CA SER A 221 14.25 -11.52 -7.72
CA SER A 221 14.25 -11.52 -7.74
C SER A 221 15.33 -11.34 -8.78
C SER A 221 15.37 -11.32 -8.76
N VAL A 222 16.36 -12.18 -8.72
CA VAL A 222 17.44 -12.18 -9.74
C VAL A 222 16.94 -12.89 -10.98
N SER A 223 17.15 -12.30 -12.15
CA SER A 223 16.68 -12.92 -13.39
C SER A 223 17.42 -14.22 -13.66
N PRO A 224 16.72 -15.32 -13.93
CA PRO A 224 17.42 -16.54 -14.38
C PRO A 224 18.08 -16.37 -15.73
N ALA A 225 17.69 -15.35 -16.50
CA ALA A 225 18.21 -15.12 -17.83
C ALA A 225 19.44 -14.21 -17.85
N ASP A 226 19.75 -13.55 -16.74
CA ASP A 226 20.87 -12.62 -16.68
C ASP A 226 21.15 -12.27 -15.22
N ARG A 227 22.28 -12.75 -14.68
N ARG A 227 22.28 -12.77 -14.70
CA ARG A 227 22.62 -12.50 -13.28
CA ARG A 227 22.71 -12.50 -13.32
C ARG A 227 22.70 -11.03 -12.94
C ARG A 227 22.63 -11.02 -12.97
N ASN A 228 22.93 -10.15 -13.93
CA ASN A 228 23.01 -8.72 -13.66
C ASN A 228 21.67 -8.04 -13.58
N VAL A 229 20.59 -8.70 -13.99
CA VAL A 229 19.28 -8.09 -13.97
C VAL A 229 18.58 -8.51 -12.69
N VAL A 230 18.16 -7.53 -11.87
CA VAL A 230 17.44 -7.80 -10.63
C VAL A 230 16.17 -6.96 -10.65
N TYR A 231 15.03 -7.59 -10.36
CA TYR A 231 13.76 -6.88 -10.22
C TYR A 231 13.44 -6.75 -8.74
N ALA A 232 12.81 -5.64 -8.37
CA ALA A 232 12.61 -5.37 -6.95
C ALA A 232 11.35 -4.57 -6.70
N LEU A 233 10.80 -4.75 -5.50
CA LEU A 233 9.61 -4.04 -5.02
C LEU A 233 10.00 -3.25 -3.76
N GLY A 234 9.74 -1.94 -3.78
CA GLY A 234 10.12 -1.16 -2.62
C GLY A 234 9.32 0.12 -2.45
N ILE A 235 9.56 0.77 -1.32
CA ILE A 235 9.02 2.10 -1.04
C ILE A 235 10.18 3.06 -0.77
N ASP A 236 10.22 4.16 -1.52
CA ASP A 236 11.10 5.30 -1.30
C ASP A 236 10.52 6.10 -0.13
N LEU A 237 11.13 5.94 1.04
CA LEU A 237 10.58 6.53 2.26
C LEU A 237 10.73 8.05 2.31
N VAL A 238 11.67 8.61 1.54
CA VAL A 238 11.74 10.06 1.40
C VAL A 238 10.59 10.57 0.55
N GLU A 239 10.34 9.91 -0.59
CA GLU A 239 9.21 10.29 -1.43
C GLU A 239 7.89 10.13 -0.69
N ALA A 240 7.77 9.10 0.15
CA ALA A 240 6.56 8.84 0.92
C ALA A 240 6.49 9.72 2.16
N ALA A 241 7.01 10.93 2.07
CA ALA A 241 6.95 11.86 3.18
C ALA A 241 5.51 12.09 3.61
N PRO A 242 5.26 12.30 4.89
CA PRO A 242 3.91 12.68 5.32
C PRO A 242 3.46 13.97 4.64
N ASN A 243 2.16 14.04 4.36
CA ASN A 243 1.49 15.18 3.73
C ASN A 243 1.76 15.25 2.24
N SER A 244 2.77 14.53 1.73
CA SER A 244 2.95 14.49 0.29
C SER A 244 1.83 13.74 -0.40
N GLY A 245 1.12 12.87 0.32
CA GLY A 245 0.15 11.99 -0.27
C GLY A 245 0.72 10.90 -1.16
N ALA A 246 2.00 10.98 -1.51
CA ALA A 246 2.62 9.98 -2.39
C ALA A 246 2.96 8.72 -1.60
N GLU A 247 2.68 7.57 -2.20
CA GLU A 247 2.93 6.31 -1.51
C GLU A 247 4.38 5.86 -1.58
N GLY A 248 5.12 6.34 -2.57
CA GLY A 248 6.52 6.00 -2.70
C GLY A 248 6.78 4.59 -3.19
N ARG A 249 5.76 3.87 -3.63
CA ARG A 249 5.87 2.46 -3.96
C ARG A 249 6.11 2.28 -5.45
N HIS A 250 7.15 1.51 -5.80
CA HIS A 250 7.51 1.28 -7.19
C HIS A 250 8.07 -0.13 -7.35
N LEU A 251 8.08 -0.60 -8.60
CA LEU A 251 8.98 -1.66 -9.00
C LEU A 251 10.27 -1.05 -9.56
N TYR A 252 11.38 -1.74 -9.33
CA TYR A 252 12.71 -1.26 -9.70
C TYR A 252 13.42 -2.32 -10.52
N ARG A 253 14.43 -1.89 -11.28
CA ARG A 253 15.24 -2.81 -12.08
C ARG A 253 16.70 -2.44 -11.92
N SER A 254 17.55 -3.43 -11.65
CA SER A 254 18.99 -3.25 -11.65
C SER A 254 19.56 -3.95 -12.87
N THR A 255 20.63 -3.37 -13.45
CA THR A 255 21.37 -4.06 -14.51
C THR A 255 22.82 -4.30 -14.11
N ASP A 256 23.16 -4.12 -12.83
CA ASP A 256 24.49 -4.42 -12.34
C ASP A 256 24.45 -5.39 -11.16
N GLY A 257 23.44 -6.25 -11.14
CA GLY A 257 23.37 -7.33 -10.17
C GLY A 257 22.84 -6.93 -8.81
N GLY A 258 22.30 -5.72 -8.68
CA GLY A 258 21.77 -5.27 -7.41
C GLY A 258 22.55 -4.16 -6.74
N ARG A 259 23.55 -3.60 -7.43
CA ARG A 259 24.28 -2.46 -6.87
C ARG A 259 23.50 -1.16 -7.02
N THR A 260 22.83 -0.96 -8.15
CA THR A 260 22.06 0.26 -8.39
C THR A 260 20.73 -0.12 -9.03
N TYR A 261 19.70 0.65 -8.71
CA TYR A 261 18.36 0.42 -9.22
C TYR A 261 17.79 1.68 -9.86
N THR A 262 16.86 1.44 -10.80
N THR A 262 16.90 1.47 -10.82
CA THR A 262 16.08 2.47 -11.48
CA THR A 262 16.08 2.56 -11.34
C THR A 262 14.61 2.12 -11.35
C THR A 262 14.62 2.14 -11.33
N ARG A 263 13.75 3.11 -11.11
CA ARG A 263 12.31 2.86 -11.09
C ARG A 263 11.81 2.47 -12.46
N ILE A 264 10.94 1.44 -12.53
CA ILE A 264 10.40 1.02 -13.82
C ILE A 264 8.87 0.99 -13.86
N VAL A 265 8.22 0.81 -12.70
CA VAL A 265 6.77 0.73 -12.62
C VAL A 265 6.34 1.46 -11.36
N ASP A 266 5.25 2.23 -11.47
CA ASP A 266 4.72 2.99 -10.36
C ASP A 266 3.40 2.39 -9.91
N ASP A 267 3.06 2.61 -8.65
CA ASP A 267 1.82 2.08 -8.07
C ASP A 267 0.66 2.96 -8.52
N THR A 268 -0.13 2.48 -9.50
CA THR A 268 -1.32 3.19 -9.96
C THR A 268 -2.46 2.20 -10.15
N PRO A 269 -3.70 2.67 -10.34
CA PRO A 269 -4.79 1.73 -10.64
C PRO A 269 -4.57 0.92 -11.91
N ASP A 270 -3.76 1.40 -12.86
CA ASP A 270 -3.49 0.63 -14.07
C ASP A 270 -2.35 -0.37 -13.91
N THR A 271 -1.43 -0.11 -12.96
CA THR A 271 -0.37 -1.07 -12.60
C THR A 271 -0.34 -1.14 -11.09
N GLU A 272 -1.21 -1.98 -10.51
CA GLU A 272 -1.49 -1.96 -9.08
C GLU A 272 -0.42 -2.69 -8.29
N LEU A 273 0.26 -1.97 -7.39
CA LEU A 273 1.27 -2.57 -6.54
C LEU A 273 0.82 -2.61 -5.07
N THR A 274 1.41 -3.54 -4.32
CA THR A 274 1.24 -3.62 -2.87
C THR A 274 2.61 -3.90 -2.26
N ASN A 275 2.67 -3.96 -0.93
CA ASN A 275 3.94 -4.35 -0.29
C ASN A 275 4.27 -5.83 -0.46
N SER A 276 3.37 -6.60 -1.09
N SER A 276 3.40 -6.63 -1.09
CA SER A 276 3.53 -8.04 -1.25
CA SER A 276 3.68 -8.04 -1.28
C SER A 276 3.48 -8.49 -2.70
C SER A 276 3.43 -8.48 -2.71
N THR A 277 3.57 -7.57 -3.66
CA THR A 277 3.44 -7.94 -5.09
C THR A 277 4.40 -9.08 -5.44
N LEU A 278 3.83 -10.14 -6.01
CA LEU A 278 4.64 -11.26 -6.46
C LEU A 278 5.47 -10.87 -7.67
N LEU A 279 6.76 -11.24 -7.66
CA LEU A 279 7.67 -10.98 -8.78
C LEU A 279 8.05 -12.30 -9.43
N ALA A 280 7.93 -12.37 -10.76
CA ALA A 280 8.24 -13.58 -11.52
C ALA A 280 8.98 -13.18 -12.80
N PRO A 281 10.30 -13.00 -12.72
CA PRO A 281 11.07 -12.71 -13.94
C PRO A 281 10.96 -13.85 -14.94
N SER A 282 10.95 -13.48 -16.20
CA SER A 282 11.02 -14.49 -17.25
C SER A 282 12.33 -15.27 -17.10
N PRO A 283 12.30 -16.60 -17.25
CA PRO A 283 13.54 -17.38 -17.13
C PRO A 283 14.42 -17.29 -18.35
N VAL A 284 13.92 -16.75 -19.46
CA VAL A 284 14.68 -16.70 -20.70
C VAL A 284 14.85 -15.29 -21.26
N ASP A 285 13.99 -14.32 -20.92
CA ASP A 285 14.13 -12.97 -21.46
C ASP A 285 14.44 -12.03 -20.32
N PRO A 286 15.67 -11.51 -20.23
CA PRO A 286 16.01 -10.62 -19.10
C PRO A 286 15.18 -9.33 -19.09
N ASN A 287 14.54 -8.98 -20.21
CA ASN A 287 13.72 -7.79 -20.29
C ASN A 287 12.35 -7.94 -19.63
N VAL A 288 11.91 -9.16 -19.33
CA VAL A 288 10.50 -9.42 -19.05
C VAL A 288 10.32 -9.81 -17.59
N LEU A 289 9.39 -9.12 -16.93
CA LEU A 289 9.00 -9.39 -15.55
C LEU A 289 7.49 -9.54 -15.49
N TYR A 290 7.01 -10.65 -14.93
CA TYR A 290 5.60 -10.79 -14.60
C TYR A 290 5.37 -10.40 -13.14
N PHE A 291 4.19 -9.82 -12.86
CA PHE A 291 3.79 -9.56 -11.48
C PHE A 291 2.26 -9.57 -11.44
N GLU A 292 1.71 -9.55 -10.22
N GLU A 292 1.71 -9.61 -10.23
CA GLU A 292 0.30 -9.86 -10.00
CA GLU A 292 0.28 -9.80 -10.06
C GLU A 292 -0.32 -8.87 -9.03
C GLU A 292 -0.30 -8.75 -9.12
N TYR A 293 -1.61 -8.58 -9.25
CA TYR A 293 -2.45 -7.95 -8.22
C TYR A 293 -3.78 -8.69 -8.21
N GLY A 294 -4.30 -9.02 -7.04
CA GLY A 294 -5.63 -9.62 -6.97
C GLY A 294 -6.31 -9.35 -5.65
N THR A 295 -7.63 -9.23 -5.69
CA THR A 295 -8.40 -9.14 -4.45
C THR A 295 -9.81 -9.67 -4.69
N TYR A 296 -10.35 -10.34 -3.67
CA TYR A 296 -11.72 -10.82 -3.82
C TYR A 296 -12.75 -9.75 -3.50
N PHE A 297 -12.34 -8.67 -2.82
CA PHE A 297 -13.28 -7.60 -2.53
C PHE A 297 -13.87 -7.06 -3.83
N GLN A 298 -15.17 -6.77 -3.79
CA GLN A 298 -16.09 -6.58 -4.92
C GLN A 298 -15.84 -7.52 -6.08
N ALA A 299 -15.36 -8.73 -5.81
CA ALA A 299 -15.07 -9.70 -6.86
C ALA A 299 -14.22 -9.05 -7.95
N TYR A 300 -13.27 -8.21 -7.53
CA TYR A 300 -12.39 -7.56 -8.50
C TYR A 300 -11.67 -8.59 -9.36
N GLY A 301 -11.11 -9.62 -8.73
CA GLY A 301 -10.36 -10.62 -9.48
C GLY A 301 -8.87 -10.32 -9.48
N THR A 302 -8.19 -10.85 -10.50
CA THR A 302 -6.74 -10.82 -10.58
C THR A 302 -6.27 -10.21 -11.89
N ASP A 303 -5.32 -9.28 -11.79
CA ASP A 303 -4.57 -8.79 -12.94
C ASP A 303 -3.19 -9.46 -12.96
N LEU A 304 -2.81 -10.01 -14.12
CA LEU A 304 -1.48 -10.57 -14.34
C LEU A 304 -0.77 -9.64 -15.30
N TYR A 305 0.28 -9.00 -14.82
CA TYR A 305 1.00 -7.98 -15.59
C TYR A 305 2.27 -8.54 -16.20
N ARG A 306 2.65 -7.97 -17.34
N ARG A 306 2.66 -7.97 -17.33
CA ARG A 306 3.88 -8.35 -18.04
CA ARG A 306 3.89 -8.36 -18.04
C ARG A 306 4.61 -7.07 -18.43
C ARG A 306 4.63 -7.09 -18.45
N TYR A 307 5.74 -6.81 -17.78
CA TYR A 307 6.59 -5.67 -18.10
C TYR A 307 7.66 -6.10 -19.09
N ASP A 308 7.98 -5.23 -20.05
CA ASP A 308 9.03 -5.51 -21.04
C ASP A 308 9.97 -4.32 -21.10
N ALA A 309 11.23 -4.52 -20.69
CA ALA A 309 12.19 -3.41 -20.64
C ALA A 309 12.51 -2.86 -22.04
N ARG A 310 12.28 -3.64 -23.11
CA ARG A 310 12.52 -3.14 -24.46
C ARG A 310 11.73 -1.87 -24.73
N THR A 311 10.49 -1.82 -24.25
CA THR A 311 9.57 -0.72 -24.49
C THR A 311 9.23 0.08 -23.23
N GLY A 312 9.51 -0.46 -22.06
CA GLY A 312 9.10 0.15 -20.82
C GLY A 312 7.64 -0.03 -20.48
N LYS A 313 6.88 -0.75 -21.32
CA LYS A 313 5.44 -0.84 -21.16
C LYS A 313 5.05 -2.08 -20.35
N VAL A 314 3.87 -1.99 -19.74
CA VAL A 314 3.27 -3.08 -18.97
C VAL A 314 1.97 -3.48 -19.66
N GLY A 315 1.85 -4.76 -20.01
CA GLY A 315 0.60 -5.31 -20.47
C GLY A 315 -0.07 -6.07 -19.34
N LYS A 316 -1.37 -6.33 -19.49
CA LYS A 316 -2.01 -7.11 -18.44
C LYS A 316 -3.13 -7.95 -19.02
N THR A 317 -3.38 -9.08 -18.37
CA THR A 317 -4.58 -9.86 -18.58
C THR A 317 -5.32 -9.94 -17.24
N HIS A 318 -6.57 -10.38 -17.30
CA HIS A 318 -7.40 -10.41 -16.10
C HIS A 318 -8.12 -11.75 -16.03
N ASN A 319 -8.25 -12.29 -14.82
CA ASN A 319 -9.06 -13.49 -14.59
C ASN A 319 -9.88 -13.30 -13.32
N ALA A 320 -10.83 -14.21 -13.09
CA ALA A 320 -11.79 -14.03 -12.01
C ALA A 320 -11.34 -14.60 -10.68
N HIS A 321 -10.15 -15.18 -10.57
CA HIS A 321 -9.73 -15.71 -9.28
C HIS A 321 -9.37 -14.59 -8.29
N ASP A 322 -9.38 -14.95 -7.01
CA ASP A 322 -9.07 -13.98 -5.96
C ASP A 322 -7.60 -13.57 -6.00
N GLY A 323 -6.73 -14.42 -6.52
CA GLY A 323 -5.32 -14.05 -6.63
C GLY A 323 -4.54 -15.18 -7.26
N ILE A 324 -3.32 -14.83 -7.69
CA ILE A 324 -2.30 -15.80 -8.10
C ILE A 324 -1.22 -15.74 -7.04
N SER A 325 -1.00 -16.85 -6.33
CA SER A 325 -0.02 -16.86 -5.25
C SER A 325 1.36 -17.37 -5.65
N ALA A 326 1.51 -17.96 -6.84
CA ALA A 326 2.81 -18.44 -7.28
C ALA A 326 2.79 -18.64 -8.79
N ILE A 327 3.97 -18.53 -9.39
CA ILE A 327 4.13 -18.66 -10.84
C ILE A 327 5.36 -19.50 -11.12
N ALA A 328 5.23 -20.45 -12.04
CA ALA A 328 6.38 -21.20 -12.55
C ALA A 328 6.28 -21.28 -14.06
N PHE A 329 7.42 -21.53 -14.69
CA PHE A 329 7.53 -21.57 -16.15
C PHE A 329 7.88 -22.97 -16.62
N ASN A 330 7.29 -23.40 -17.72
CA ASN A 330 7.70 -24.65 -18.35
C ASN A 330 9.12 -24.51 -18.87
N PRO A 331 10.08 -25.33 -18.42
CA PRO A 331 11.49 -25.11 -18.82
C PRO A 331 11.71 -25.21 -20.32
N ALA A 332 10.97 -26.08 -21.02
CA ALA A 332 11.17 -26.24 -22.45
C ALA A 332 10.39 -25.22 -23.26
N ARG A 333 9.26 -24.76 -22.72
CA ARG A 333 8.36 -23.86 -23.43
C ARG A 333 7.93 -22.77 -22.46
N PRO A 334 8.79 -21.76 -22.23
CA PRO A 334 8.54 -20.77 -21.18
C PRO A 334 7.32 -19.89 -21.40
N SER A 335 6.72 -19.87 -22.59
CA SER A 335 5.43 -19.20 -22.74
C SER A 335 4.29 -19.99 -22.11
N VAL A 336 4.54 -21.22 -21.66
CA VAL A 336 3.58 -21.97 -20.85
C VAL A 336 3.87 -21.67 -19.39
N MET A 337 2.91 -21.04 -18.70
CA MET A 337 3.10 -20.61 -17.32
C MET A 337 2.13 -21.33 -16.40
N TYR A 338 2.67 -21.88 -15.30
CA TYR A 338 1.85 -22.52 -14.28
C TYR A 338 1.49 -21.50 -13.20
N LEU A 339 0.21 -21.48 -12.82
CA LEU A 339 -0.29 -20.51 -11.83
C LEU A 339 -0.82 -21.25 -10.61
N GLY A 340 -0.30 -20.91 -9.43
CA GLY A 340 -0.89 -21.33 -8.18
C GLY A 340 -1.87 -20.28 -7.72
N LEU A 341 -3.06 -20.71 -7.31
CA LEU A 341 -4.19 -19.81 -7.14
C LEU A 341 -4.63 -19.67 -5.69
N GLU A 342 -5.35 -18.57 -5.42
CA GLU A 342 -5.93 -18.28 -4.12
C GLU A 342 -7.45 -18.23 -4.22
N GLU A 343 -8.12 -18.66 -3.15
CA GLU A 343 -9.56 -18.51 -3.03
C GLU A 343 -9.89 -18.17 -1.58
N VAL A 344 -10.58 -17.06 -1.37
CA VAL A 344 -11.01 -16.62 -0.04
C VAL A 344 -12.45 -16.15 -0.09
N GLN A 345 -13.27 -16.67 0.83
CA GLN A 345 -14.67 -16.27 0.99
C GLN A 345 -14.84 -14.74 1.04
N GLY B 6 -26.52 35.48 2.91
CA GLY B 6 -25.75 36.19 1.90
C GLY B 6 -25.04 35.28 0.92
N TRP B 7 -24.71 34.06 1.35
CA TRP B 7 -23.98 33.13 0.51
C TRP B 7 -24.78 32.81 -0.76
N ARG B 8 -24.09 32.79 -1.89
CA ARG B 8 -24.68 32.41 -3.17
C ARG B 8 -23.77 31.43 -3.89
N ALA B 9 -24.32 30.77 -4.90
CA ALA B 9 -23.49 29.98 -5.79
C ALA B 9 -22.60 30.91 -6.62
N PRO B 10 -21.46 30.41 -7.11
CA PRO B 10 -20.58 31.27 -7.93
C PRO B 10 -21.33 31.78 -9.15
N SER B 11 -21.22 33.08 -9.40
CA SER B 11 -21.79 33.69 -10.61
C SER B 11 -20.69 33.86 -11.65
N CYS B 12 -20.18 32.72 -12.10
CA CYS B 12 -19.12 32.66 -13.10
C CYS B 12 -19.03 31.23 -13.59
N THR B 13 -18.41 31.06 -14.76
CA THR B 13 -18.05 29.75 -15.27
C THR B 13 -16.54 29.56 -15.34
N LYS B 14 -15.77 30.65 -15.29
CA LYS B 14 -14.32 30.61 -15.26
C LYS B 14 -13.84 31.29 -13.98
N VAL B 15 -12.78 30.76 -13.39
CA VAL B 15 -12.23 31.29 -12.14
C VAL B 15 -11.01 32.13 -12.47
N THR B 16 -10.94 33.33 -11.87
CA THR B 16 -9.76 34.17 -11.96
C THR B 16 -8.86 33.86 -10.76
N GLY B 17 -7.75 33.18 -11.01
CA GLY B 17 -6.83 32.83 -9.94
C GLY B 17 -5.65 32.06 -10.53
N ASP B 18 -4.70 31.73 -9.67
CA ASP B 18 -3.45 31.14 -10.14
C ASP B 18 -3.58 29.66 -10.52
N GLY B 19 -4.77 29.06 -10.41
CA GLY B 19 -4.96 27.68 -10.79
C GLY B 19 -5.03 26.70 -9.63
N ALA B 20 -4.70 27.12 -8.42
CA ALA B 20 -4.69 26.21 -7.28
C ALA B 20 -6.08 25.83 -6.80
N VAL B 21 -7.09 26.65 -7.07
CA VAL B 21 -8.45 26.39 -6.59
C VAL B 21 -9.43 26.57 -7.75
N THR B 22 -10.26 25.57 -7.96
CA THR B 22 -11.35 25.70 -8.92
C THR B 22 -12.60 25.17 -8.25
N PHE B 23 -13.70 25.02 -9.02
CA PHE B 23 -14.89 24.40 -8.48
C PHE B 23 -15.55 23.54 -9.55
N THR B 24 -16.42 22.65 -9.07
CA THR B 24 -17.20 21.76 -9.92
C THR B 24 -18.64 21.80 -9.44
N THR B 25 -19.57 21.74 -10.40
CA THR B 25 -20.99 21.66 -10.08
C THR B 25 -21.57 20.29 -10.35
N ASP B 26 -20.76 19.31 -10.75
CA ASP B 26 -21.26 18.02 -11.20
C ASP B 26 -20.36 16.89 -10.70
N ASP B 27 -19.89 17.01 -9.45
CA ASP B 27 -19.13 15.96 -8.76
C ASP B 27 -17.83 15.65 -9.48
N GLY B 28 -17.26 16.65 -10.16
CA GLY B 28 -15.98 16.51 -10.82
C GLY B 28 -16.05 16.10 -12.29
N ALA B 29 -17.24 15.94 -12.85
CA ALA B 29 -17.34 15.63 -14.29
C ALA B 29 -16.73 16.75 -15.11
N THR B 30 -16.94 18.00 -14.70
CA THR B 30 -16.27 19.14 -15.30
C THR B 30 -15.71 20.00 -14.18
N LEU B 31 -14.60 20.67 -14.48
CA LEU B 31 -13.95 21.61 -13.57
C LEU B 31 -13.96 22.99 -14.22
N ALA B 32 -14.28 24.02 -13.45
CA ALA B 32 -14.23 25.37 -13.98
C ALA B 32 -12.81 25.70 -14.46
N PRO B 33 -12.66 26.24 -15.67
CA PRO B 33 -11.34 26.70 -16.10
C PRO B 33 -10.83 27.81 -15.17
N THR B 34 -9.51 27.87 -15.02
CA THR B 34 -8.85 28.93 -14.26
C THR B 34 -7.97 29.75 -15.20
N THR B 35 -7.91 31.06 -14.95
CA THR B 35 -7.07 31.93 -15.77
C THR B 35 -5.60 31.54 -15.68
N GLY B 36 -5.12 31.24 -14.46
CA GLY B 36 -3.74 30.83 -14.28
C GLY B 36 -3.55 29.32 -14.46
N THR B 37 -2.32 28.94 -14.78
CA THR B 37 -1.94 27.53 -14.89
C THR B 37 -1.13 27.13 -13.66
N LEU B 38 -1.58 26.07 -12.99
CA LEU B 38 -0.92 25.62 -11.77
C LEU B 38 0.48 25.11 -12.07
N GLN B 39 1.46 25.53 -11.27
CA GLN B 39 2.86 25.20 -11.51
C GLN B 39 3.37 24.18 -10.50
N SER B 40 4.24 23.29 -10.97
CA SER B 40 4.98 22.40 -10.08
C SER B 40 6.02 23.24 -9.33
N VAL B 41 6.26 22.96 -8.05
CA VAL B 41 5.53 21.95 -7.26
C VAL B 41 4.47 22.67 -6.43
N SER B 42 3.24 22.18 -6.50
CA SER B 42 2.13 22.85 -5.81
C SER B 42 1.26 21.85 -5.09
N TYR B 43 0.91 22.16 -3.85
CA TYR B 43 -0.18 21.52 -3.13
C TYR B 43 -1.06 22.60 -2.54
N THR B 44 -2.36 22.28 -2.37
CA THR B 44 -3.32 23.24 -1.81
C THR B 44 -4.04 22.57 -0.64
N HIS B 45 -3.31 22.33 0.45
CA HIS B 45 -3.89 21.58 1.56
C HIS B 45 -4.90 22.38 2.35
N GLY B 46 -4.85 23.70 2.27
CA GLY B 46 -5.76 24.55 3.02
C GLY B 46 -6.86 25.11 2.14
N LEU B 47 -8.11 24.84 2.54
CA LEU B 47 -9.26 25.35 1.77
C LEU B 47 -10.48 25.27 2.66
N VAL B 48 -11.09 26.41 2.99
CA VAL B 48 -12.32 26.41 3.76
C VAL B 48 -13.26 27.50 3.25
N ALA B 49 -14.56 27.20 3.32
CA ALA B 49 -15.58 28.23 3.25
C ALA B 49 -15.78 28.83 4.64
N LEU B 50 -15.86 30.16 4.73
CA LEU B 50 -16.10 30.83 5.99
C LEU B 50 -17.58 31.15 6.14
N ASP B 51 -17.96 31.50 7.37
CA ASP B 51 -19.34 31.91 7.59
C ASP B 51 -19.62 33.24 6.89
N THR B 52 -18.63 34.13 6.86
CA THR B 52 -18.73 35.38 6.12
C THR B 52 -19.26 35.11 4.71
N PRO B 53 -20.34 35.77 4.29
CA PRO B 53 -20.96 35.45 3.00
C PRO B 53 -19.96 35.47 1.86
N ASN B 54 -19.96 34.39 1.07
CA ASN B 54 -19.22 34.29 -0.19
C ASN B 54 -17.71 34.37 0.01
N THR B 55 -17.22 34.11 1.21
CA THR B 55 -15.80 34.24 1.52
C THR B 55 -15.17 32.87 1.76
N LEU B 56 -14.02 32.65 1.11
CA LEU B 56 -13.25 31.43 1.29
C LEU B 56 -11.79 31.79 1.49
N LEU B 57 -11.07 30.90 2.17
CA LEU B 57 -9.63 31.01 2.33
C LEU B 57 -8.98 29.75 1.76
N ALA B 58 -7.77 29.90 1.24
CA ALA B 58 -6.99 28.78 0.76
C ALA B 58 -5.51 29.01 1.04
N THR B 59 -4.75 27.92 1.14
CA THR B 59 -3.30 28.04 1.19
C THR B 59 -2.73 27.19 0.06
N HIS B 60 -2.13 27.86 -0.91
CA HIS B 60 -1.43 27.23 -2.03
C HIS B 60 0.05 27.33 -1.69
N ASN B 61 0.64 26.20 -1.31
CA ASN B 61 2.01 26.19 -0.76
C ASN B 61 2.01 27.17 0.43
N ASP B 62 2.93 28.13 0.47
CA ASP B 62 2.97 29.07 1.59
C ASP B 62 2.13 30.33 1.35
N GLU B 63 1.30 30.35 0.30
CA GLU B 63 0.53 31.55 -0.06
C GLU B 63 -0.91 31.44 0.45
N LEU B 64 -1.25 32.28 1.42
CA LEU B 64 -2.63 32.41 1.86
C LEU B 64 -3.44 33.24 0.86
N GLN B 65 -4.56 32.69 0.40
CA GLN B 65 -5.39 33.35 -0.59
C GLN B 65 -6.81 33.53 -0.06
N ARG B 66 -7.51 34.52 -0.60
CA ARG B 66 -8.89 34.73 -0.18
C ARG B 66 -9.76 35.00 -1.41
N SER B 67 -11.01 34.56 -1.33
CA SER B 67 -12.02 34.92 -2.31
C SER B 67 -13.19 35.51 -1.54
N THR B 68 -13.73 36.62 -2.03
CA THR B 68 -14.91 37.22 -1.44
C THR B 68 -16.12 37.18 -2.38
N ASP B 69 -16.00 36.50 -3.53
CA ASP B 69 -17.09 36.37 -4.48
C ASP B 69 -17.41 34.91 -4.75
N ALA B 70 -17.37 34.10 -3.70
CA ALA B 70 -17.76 32.68 -3.75
C ALA B 70 -16.89 31.87 -4.70
N GLY B 71 -15.61 32.24 -4.82
CA GLY B 71 -14.67 31.43 -5.57
C GLY B 71 -14.48 31.82 -7.01
N CYS B 72 -15.09 32.91 -7.47
CA CYS B 72 -14.88 33.36 -8.85
C CYS B 72 -13.53 34.04 -9.01
N THR B 73 -13.03 34.67 -7.96
CA THR B 73 -11.75 35.38 -8.00
C THR B 73 -10.95 35.04 -6.75
N TRP B 74 -9.67 34.77 -6.92
CA TRP B 74 -8.77 34.41 -5.83
C TRP B 74 -7.59 35.39 -5.80
N THR B 75 -7.33 35.98 -4.64
CA THR B 75 -6.27 36.98 -4.50
C THR B 75 -5.37 36.63 -3.33
N LYS B 76 -4.08 36.91 -3.48
CA LYS B 76 -3.13 36.68 -2.40
C LYS B 76 -3.42 37.60 -1.21
N VAL B 77 -3.39 37.01 -0.01
CA VAL B 77 -3.52 37.76 1.24
C VAL B 77 -2.16 37.95 1.90
N ALA B 78 -1.38 36.88 2.02
CA ALA B 78 -0.14 36.91 2.78
C ALA B 78 0.66 35.65 2.46
N THR B 79 1.95 35.71 2.80
CA THR B 79 2.82 34.54 2.81
C THR B 79 2.93 34.04 4.25
N LEU B 80 2.68 32.74 4.44
CA LEU B 80 2.77 32.12 5.76
C LEU B 80 4.16 31.50 5.97
N GLY B 81 4.51 31.32 7.25
CA GLY B 81 5.78 30.74 7.64
C GLY B 81 5.92 29.25 7.42
N SER B 82 4.89 28.59 6.89
CA SER B 82 4.96 27.18 6.53
C SER B 82 4.42 27.01 5.11
N GLY B 83 5.02 26.09 4.35
CA GLY B 83 4.58 25.84 3.01
C GLY B 83 3.54 24.76 2.86
N SER B 84 3.02 24.23 3.97
N SER B 84 3.05 24.19 3.97
CA SER B 84 2.03 23.14 3.91
CA SER B 84 2.02 23.15 3.89
C SER B 84 1.12 23.27 5.13
C SER B 84 1.13 23.30 5.13
N THR B 85 -0.02 23.95 4.94
CA THR B 85 -0.95 24.19 6.03
C THR B 85 -2.35 23.74 5.67
N TRP B 86 -3.06 23.27 6.68
CA TRP B 86 -4.48 22.98 6.62
C TRP B 86 -5.22 24.15 7.26
N LEU B 87 -6.49 24.33 6.87
CA LEU B 87 -7.30 25.40 7.42
C LEU B 87 -8.50 24.85 8.18
N THR B 88 -8.85 25.50 9.29
CA THR B 88 -10.04 25.16 10.07
C THR B 88 -10.82 26.45 10.32
N ALA B 89 -12.06 26.52 9.82
CA ALA B 89 -12.84 27.75 9.93
C ALA B 89 -13.36 27.94 11.36
N ALA B 90 -13.50 29.22 11.73
CA ALA B 90 -14.04 29.63 13.01
C ALA B 90 -15.07 30.73 12.79
N THR B 91 -15.88 30.97 13.82
CA THR B 91 -16.99 31.91 13.70
C THR B 91 -16.48 33.33 13.55
N GLY B 92 -17.10 34.08 12.64
CA GLY B 92 -16.80 35.50 12.47
C GLY B 92 -15.63 35.83 11.57
N GLY B 93 -15.56 35.21 10.39
CA GLY B 93 -14.50 35.54 9.45
C GLY B 93 -13.12 35.12 9.89
N ARG B 94 -13.01 34.10 10.74
CA ARG B 94 -11.75 33.67 11.32
C ARG B 94 -11.40 32.26 10.85
N ALA B 95 -10.11 31.94 10.83
CA ALA B 95 -9.68 30.58 10.56
C ALA B 95 -8.34 30.33 11.23
N PHE B 96 -8.03 29.06 11.46
CA PHE B 96 -6.73 28.65 11.98
C PHE B 96 -5.98 27.87 10.90
N ALA B 97 -4.72 28.22 10.70
CA ALA B 97 -3.84 27.55 9.75
C ALA B 97 -2.83 26.71 10.52
N TRP B 98 -2.65 25.46 10.14
CA TRP B 98 -1.76 24.60 10.92
C TRP B 98 -1.10 23.56 10.03
N GLU B 99 0.13 23.19 10.38
CA GLU B 99 0.85 22.16 9.65
C GLU B 99 0.56 20.80 10.28
N LYS B 100 -0.20 19.96 9.56
CA LYS B 100 -0.43 18.59 10.02
C LYS B 100 0.90 17.88 10.18
N ASN B 101 1.08 17.22 11.33
N ASN B 101 1.09 17.22 11.31
CA ASN B 101 2.32 16.55 11.71
CA ASN B 101 2.31 16.51 11.72
C ASN B 101 3.50 17.51 11.70
C ASN B 101 3.46 17.47 12.02
N GLY B 102 3.22 18.78 12.00
CA GLY B 102 4.25 19.76 12.26
C GLY B 102 3.85 20.65 13.42
N GLY B 103 4.54 21.79 13.60
CA GLY B 103 4.27 22.65 14.73
C GLY B 103 3.72 24.04 14.39
N TYR B 104 3.68 24.40 13.10
CA TYR B 104 3.22 25.71 12.72
C TYR B 104 1.73 25.87 12.99
N LEU B 105 1.36 27.01 13.58
CA LEU B 105 -0.02 27.32 13.93
C LEU B 105 -0.18 28.83 13.84
N ALA B 106 -1.21 29.28 13.13
CA ALA B 106 -1.49 30.71 13.02
C ALA B 106 -3.00 30.93 12.98
N ARG B 107 -3.40 32.15 13.32
CA ARG B 107 -4.79 32.54 13.25
C ARG B 107 -4.95 33.63 12.20
N VAL B 108 -6.02 33.53 11.42
CA VAL B 108 -6.34 34.48 10.36
C VAL B 108 -7.61 35.20 10.77
N ASP B 109 -7.54 36.52 10.88
CA ASP B 109 -8.70 37.36 11.21
C ASP B 109 -8.89 38.32 10.05
N GLY B 110 -9.86 38.05 9.19
CA GLY B 110 -9.94 38.79 7.95
C GLY B 110 -8.74 38.49 7.10
N ARG B 111 -7.84 39.47 6.94
CA ARG B 111 -6.59 39.28 6.22
C ARG B 111 -5.38 39.37 7.14
N THR B 112 -5.60 39.52 8.44
CA THR B 112 -4.52 39.69 9.41
C THR B 112 -4.08 38.33 9.93
N VAL B 113 -2.77 38.08 9.92
CA VAL B 113 -2.20 36.81 10.33
C VAL B 113 -1.46 36.99 11.65
N THR B 114 -1.84 36.18 12.64
CA THR B 114 -1.18 36.12 13.95
C THR B 114 -0.61 34.72 14.15
N LYS B 115 0.71 34.61 14.14
CA LYS B 115 1.35 33.33 14.38
C LYS B 115 1.30 33.00 15.87
N LEU B 116 0.96 31.75 16.17
CA LEU B 116 0.73 31.32 17.55
C LEU B 116 1.82 30.36 18.00
N SER B 117 1.78 30.01 19.29
CA SER B 117 2.67 29.01 19.88
C SER B 117 1.87 27.74 20.10
N SER B 118 2.01 26.79 19.17
CA SER B 118 1.27 25.54 19.32
C SER B 118 1.74 24.79 20.57
N PRO B 119 0.82 24.22 21.35
CA PRO B 119 1.23 23.40 22.50
C PRO B 119 1.76 22.04 22.09
N SER B 120 1.73 21.71 20.80
CA SER B 120 2.26 20.47 20.26
C SER B 120 3.12 20.76 19.04
N ALA B 121 4.25 20.07 18.96
CA ALA B 121 5.14 20.13 17.80
C ALA B 121 4.75 19.17 16.70
N ASP B 122 3.62 18.46 16.84
CA ASP B 122 3.23 17.37 15.96
C ASP B 122 1.70 17.33 15.97
N ILE B 123 1.08 18.31 15.29
CA ILE B 123 -0.35 18.56 15.40
C ILE B 123 -1.12 17.57 14.52
N VAL B 124 -2.13 16.92 15.09
CA VAL B 124 -2.91 15.93 14.34
C VAL B 124 -4.40 16.25 14.28
N GLY B 125 -4.83 17.39 14.81
CA GLY B 125 -6.20 17.82 14.64
C GLY B 125 -6.49 19.16 15.30
N VAL B 126 -7.45 19.89 14.76
CA VAL B 126 -7.86 21.20 15.27
C VAL B 126 -9.38 21.30 15.17
N GLY B 127 -10.02 21.89 16.18
CA GLY B 127 -11.45 22.09 16.15
C GLY B 127 -11.81 23.42 16.75
N THR B 128 -12.87 24.03 16.24
CA THR B 128 -13.32 25.34 16.70
C THR B 128 -14.74 25.26 17.24
N ASP B 129 -15.06 26.18 18.15
CA ASP B 129 -16.35 26.20 18.87
C ASP B 129 -17.29 27.16 18.15
N LYS B 130 -18.34 26.60 17.51
CA LYS B 130 -19.26 27.45 16.75
C LYS B 130 -19.89 28.53 17.63
N ALA B 131 -20.09 28.23 18.91
CA ALA B 131 -20.77 29.17 19.80
C ALA B 131 -19.82 30.16 20.44
N ARG B 132 -18.53 29.90 20.46
CA ARG B 132 -17.55 30.70 21.21
C ARG B 132 -16.32 30.87 20.31
N ARG B 133 -16.26 31.98 19.59
CA ARG B 133 -15.27 32.11 18.52
C ARG B 133 -13.83 32.19 19.05
N ASP B 134 -13.63 32.51 20.32
CA ASP B 134 -12.28 32.47 20.88
C ASP B 134 -11.90 31.08 21.40
N HIS B 135 -12.79 30.11 21.30
CA HIS B 135 -12.56 28.80 21.90
C HIS B 135 -12.12 27.84 20.80
N VAL B 136 -10.95 27.23 20.98
CA VAL B 136 -10.36 26.37 19.97
C VAL B 136 -9.62 25.25 20.70
N ARG B 137 -9.61 24.05 20.09
CA ARG B 137 -8.91 22.90 20.64
C ARG B 137 -7.98 22.32 19.59
N LEU B 138 -6.97 21.61 20.08
CA LEU B 138 -5.88 21.12 19.25
C LEU B 138 -5.40 19.80 19.84
N ALA B 139 -5.01 18.88 18.97
CA ALA B 139 -4.55 17.56 19.39
C ALA B 139 -3.11 17.34 18.94
N GLY B 140 -2.31 16.75 19.83
CA GLY B 140 -0.95 16.34 19.49
C GLY B 140 -0.87 14.84 19.21
N SER B 141 0.23 14.44 18.58
CA SER B 141 0.36 13.06 18.08
C SER B 141 0.59 12.03 19.19
N ASP B 142 0.68 12.43 20.44
CA ASP B 142 0.65 11.48 21.54
C ASP B 142 -0.77 11.20 22.02
N GLY B 143 -1.78 11.84 21.42
CA GLY B 143 -3.15 11.70 21.87
C GLY B 143 -3.58 12.68 22.95
N GLN B 144 -2.81 13.73 23.20
CA GLN B 144 -3.19 14.77 24.16
C GLN B 144 -3.97 15.88 23.46
N LEU B 145 -5.14 16.21 24.02
CA LEU B 145 -5.89 17.39 23.59
C LEU B 145 -5.46 18.61 24.41
N TYR B 146 -5.56 19.79 23.78
CA TYR B 146 -5.26 21.06 24.42
C TYR B 146 -6.41 22.02 24.17
N ASP B 147 -6.64 22.91 25.12
CA ASP B 147 -7.77 23.83 25.08
C ASP B 147 -7.28 25.27 25.19
N SER B 148 -7.86 26.17 24.38
CA SER B 148 -7.60 27.59 24.47
C SER B 148 -8.92 28.36 24.45
N THR B 149 -9.03 29.37 25.31
CA THR B 149 -10.21 30.22 25.34
C THR B 149 -9.90 31.66 24.95
N ASP B 150 -8.67 31.93 24.50
CA ASP B 150 -8.27 33.26 24.05
C ASP B 150 -7.80 33.21 22.60
N ALA B 151 -8.52 32.46 21.77
CA ALA B 151 -8.27 32.40 20.32
C ALA B 151 -6.88 31.85 20.00
N GLY B 152 -6.39 30.95 20.85
CA GLY B 152 -5.12 30.30 20.64
C GLY B 152 -3.90 31.05 21.15
N ALA B 153 -4.08 32.11 21.94
CA ALA B 153 -2.92 32.84 22.45
C ALA B 153 -2.22 32.03 23.54
N THR B 154 -2.98 31.33 24.38
CA THR B 154 -2.43 30.46 25.41
C THR B 154 -3.21 29.14 25.44
N TRP B 155 -2.56 28.09 25.94
CA TRP B 155 -3.08 26.74 25.84
C TRP B 155 -2.92 26.00 27.16
N LYS B 156 -3.89 25.15 27.48
CA LYS B 156 -3.81 24.24 28.61
C LYS B 156 -4.07 22.82 28.15
N PRO B 157 -3.37 21.83 28.72
CA PRO B 157 -3.73 20.44 28.44
C PRO B 157 -5.14 20.15 28.93
N LEU B 158 -5.86 19.33 28.17
CA LEU B 158 -7.25 19.02 28.48
C LEU B 158 -7.45 17.51 28.44
N GLY B 159 -7.95 16.94 29.52
CA GLY B 159 -8.27 15.52 29.51
C GLY B 159 -7.06 14.61 29.51
N LYS B 160 -7.34 13.33 29.26
CA LYS B 160 -6.37 12.25 29.29
C LYS B 160 -5.93 11.89 27.87
N LEU B 161 -4.82 11.15 27.79
CA LEU B 161 -4.32 10.65 26.51
C LEU B 161 -5.31 9.66 25.91
N ALA B 162 -5.56 9.80 24.60
CA ALA B 162 -6.63 9.05 23.96
C ALA B 162 -6.42 7.54 24.07
N PHE B 163 -5.18 7.08 23.95
CA PHE B 163 -4.85 5.66 24.04
C PHE B 163 -3.85 5.38 25.17
N GLY B 164 -3.71 6.29 26.12
CA GLY B 164 -2.72 6.14 27.17
C GLY B 164 -1.32 6.43 26.69
N PRO B 165 -0.33 6.25 27.57
CA PRO B 165 1.04 6.65 27.22
C PRO B 165 1.66 5.72 26.18
N GLY B 166 2.64 6.28 25.46
CA GLY B 166 3.42 5.52 24.50
C GLY B 166 2.76 5.25 23.17
N ALA B 167 1.61 5.86 22.90
CA ALA B 167 0.88 5.63 21.67
C ALA B 167 1.21 6.68 20.62
N SER B 168 1.14 6.27 19.35
CA SER B 168 1.30 7.16 18.20
C SER B 168 -0.07 7.37 17.58
N VAL B 169 -0.49 8.62 17.49
CA VAL B 169 -1.84 8.98 17.03
C VAL B 169 -1.73 9.68 15.68
N TYR B 170 -2.43 9.13 14.68
CA TYR B 170 -2.44 9.69 13.34
C TYR B 170 -3.35 10.90 13.22
N THR B 171 -4.46 10.92 13.95
CA THR B 171 -5.51 11.89 13.67
C THR B 171 -6.41 12.04 14.89
N VAL B 172 -6.91 13.26 15.08
CA VAL B 172 -8.06 13.50 15.93
C VAL B 172 -9.03 14.37 15.15
N SER B 173 -10.28 13.92 15.03
CA SER B 173 -11.33 14.68 14.36
C SER B 173 -12.30 15.19 15.42
N PHE B 174 -12.52 16.51 15.42
CA PHE B 174 -13.47 17.13 16.34
C PHE B 174 -14.83 17.24 15.66
N ASP B 175 -15.88 16.85 16.37
CA ASP B 175 -17.24 17.09 15.89
C ASP B 175 -17.44 18.60 15.72
N PRO B 176 -17.73 19.08 14.50
CA PRO B 176 -17.93 20.54 14.32
C PRO B 176 -19.06 21.11 15.17
N ALA B 177 -20.02 20.30 15.58
CA ALA B 177 -21.14 20.78 16.40
C ALA B 177 -20.88 20.68 17.89
N ASP B 178 -19.77 20.07 18.30
CA ASP B 178 -19.53 19.82 19.73
C ASP B 178 -18.08 19.41 19.95
N LEU B 179 -17.24 20.37 20.37
CA LEU B 179 -15.83 20.07 20.59
C LEU B 179 -15.59 19.07 21.70
N ASP B 180 -16.59 18.77 22.54
CA ASP B 180 -16.39 17.70 23.52
C ASP B 180 -16.41 16.32 22.88
N HIS B 181 -16.91 16.23 21.65
CA HIS B 181 -17.04 14.97 20.91
C HIS B 181 -15.90 14.87 19.92
N ALA B 182 -15.03 13.87 20.11
CA ALA B 182 -13.86 13.74 19.24
C ALA B 182 -13.53 12.28 19.03
N VAL B 183 -12.96 11.98 17.87
N VAL B 183 -12.93 12.00 17.88
CA VAL B 183 -12.50 10.63 17.54
CA VAL B 183 -12.51 10.65 17.49
C VAL B 183 -11.01 10.67 17.27
C VAL B 183 -11.00 10.68 17.26
N ALA B 184 -10.30 9.69 17.80
CA ALA B 184 -8.85 9.58 17.62
C ALA B 184 -8.53 8.28 16.89
N GLY B 185 -7.49 8.34 16.04
CA GLY B 185 -7.05 7.17 15.31
C GLY B 185 -5.55 6.97 15.52
N GLY B 186 -5.14 5.76 15.87
CA GLY B 186 -3.76 5.50 16.24
C GLY B 186 -3.14 4.32 15.51
N MET B 187 -1.85 4.14 15.78
CA MET B 187 -1.05 3.06 15.21
C MET B 187 -1.20 1.81 16.08
N THR B 188 -1.75 0.74 15.49
CA THR B 188 -2.08 -0.54 16.14
C THR B 188 -3.21 -0.41 17.16
N THR B 189 -3.48 0.80 17.65
CA THR B 189 -4.49 1.01 18.68
C THR B 189 -5.89 1.26 18.12
N GLY B 190 -6.03 1.34 16.81
CA GLY B 190 -7.35 1.51 16.22
C GLY B 190 -7.94 2.87 16.55
N GLY B 191 -9.23 2.87 16.86
CA GLY B 191 -9.89 4.12 17.13
C GLY B 191 -10.38 4.27 18.55
N ALA B 192 -10.59 5.51 18.99
CA ALA B 192 -11.20 5.80 20.28
C ALA B 192 -12.16 6.97 20.08
N VAL B 193 -13.05 7.16 21.05
CA VAL B 193 -14.01 8.25 20.98
C VAL B 193 -14.20 8.83 22.38
N THR B 194 -14.28 10.16 22.46
CA THR B 194 -14.66 10.85 23.67
C THR B 194 -15.90 11.69 23.43
N THR B 195 -16.74 11.81 24.45
CA THR B 195 -17.86 12.73 24.41
C THR B 195 -17.79 13.79 25.51
N ASP B 196 -16.73 13.78 26.33
CA ASP B 196 -16.56 14.71 27.44
C ASP B 196 -15.24 15.46 27.33
N GLY B 197 -14.79 15.74 26.12
CA GLY B 197 -13.57 16.52 25.91
C GLY B 197 -12.32 15.86 26.41
N GLY B 198 -12.20 14.55 26.26
CA GLY B 198 -10.99 13.83 26.61
C GLY B 198 -10.89 13.41 28.06
N ALA B 199 -11.90 13.72 28.89
CA ALA B 199 -11.89 13.22 30.26
C ALA B 199 -11.89 11.70 30.27
N THR B 200 -12.72 11.07 29.43
CA THR B 200 -12.71 9.64 29.26
C THR B 200 -12.74 9.30 27.77
N TRP B 201 -12.07 8.21 27.42
CA TRP B 201 -12.05 7.70 26.06
C TRP B 201 -12.56 6.26 26.06
N THR B 202 -13.28 5.89 25.00
CA THR B 202 -13.79 4.55 24.81
C THR B 202 -13.19 4.01 23.53
N ALA B 203 -12.64 2.79 23.60
CA ALA B 203 -12.09 2.15 22.41
C ALA B 203 -13.22 1.78 21.44
N ALA B 204 -12.99 2.09 20.16
CA ALA B 204 -13.90 1.69 19.09
C ALA B 204 -13.76 0.21 18.78
N THR B 205 -14.84 -0.37 18.25
CA THR B 205 -14.82 -1.71 17.71
C THR B 205 -15.28 -1.69 16.26
N GLY B 206 -14.98 -2.77 15.54
CA GLY B 206 -15.41 -2.92 14.16
C GLY B 206 -14.37 -2.54 13.12
N LEU B 207 -13.23 -1.99 13.53
CA LEU B 207 -12.16 -1.68 12.59
C LEU B 207 -11.34 -2.92 12.22
N SER B 208 -11.47 -4.00 12.96
CA SER B 208 -10.96 -5.31 12.56
C SER B 208 -12.11 -6.28 12.42
N ALA B 209 -12.05 -7.13 11.40
CA ALA B 209 -13.03 -8.20 11.28
C ALA B 209 -12.87 -9.25 12.37
N THR B 210 -11.78 -9.18 13.12
CA THR B 210 -11.48 -10.10 14.21
C THR B 210 -11.70 -9.38 15.53
N ALA B 211 -12.44 -10.01 16.43
CA ALA B 211 -12.75 -9.37 17.72
C ALA B 211 -11.46 -9.09 18.47
N GLY B 212 -11.31 -7.85 18.92
CA GLY B 212 -10.09 -7.42 19.56
C GLY B 212 -8.89 -7.28 18.65
N GLY B 213 -9.09 -7.36 17.34
CA GLY B 213 -7.97 -7.24 16.43
C GLY B 213 -7.41 -5.83 16.38
N LYS B 214 -6.10 -5.74 16.18
CA LYS B 214 -5.43 -4.45 16.09
C LYS B 214 -5.67 -3.83 14.71
N SER B 215 -5.51 -2.51 14.65
CA SER B 215 -5.68 -1.81 13.39
C SER B 215 -4.98 -0.46 13.47
N ASN B 216 -4.68 0.09 12.29
CA ASN B 216 -4.24 1.48 12.18
C ASN B 216 -5.41 2.30 11.68
N LEU B 217 -5.75 3.38 12.37
N LEU B 217 -5.76 3.38 12.38
CA LEU B 217 -6.81 4.29 11.93
CA LEU B 217 -6.80 4.29 11.95
C LEU B 217 -6.14 5.60 11.51
C LEU B 217 -6.10 5.58 11.52
N PHE B 218 -5.88 5.72 10.20
CA PHE B 218 -5.07 6.80 9.67
C PHE B 218 -5.81 8.13 9.65
N ALA B 219 -7.11 8.12 9.34
CA ALA B 219 -7.85 9.35 9.16
C ALA B 219 -9.29 9.15 9.62
N ALA B 220 -9.88 10.21 10.16
CA ALA B 220 -11.27 10.16 10.57
C ALA B 220 -11.88 11.54 10.37
N SER B 221 -13.20 11.57 10.15
N SER B 221 -13.18 11.57 10.12
CA SER B 221 -13.89 12.83 9.91
CA SER B 221 -13.88 12.84 9.92
C SER B 221 -15.31 12.70 10.41
C SER B 221 -15.31 12.69 10.42
N VAL B 222 -15.66 13.45 11.45
CA VAL B 222 -17.05 13.48 11.92
C VAL B 222 -17.88 14.26 10.90
N SER B 223 -19.02 13.70 10.51
CA SER B 223 -19.89 14.35 9.54
C SER B 223 -20.43 15.66 10.09
N PRO B 224 -20.34 16.77 9.35
CA PRO B 224 -21.08 17.98 9.76
C PRO B 224 -22.58 17.82 9.63
N ALA B 225 -23.05 16.82 8.90
CA ALA B 225 -24.48 16.64 8.68
C ALA B 225 -25.17 15.92 9.83
N ASP B 226 -24.44 15.09 10.57
CA ASP B 226 -25.02 14.24 11.62
C ASP B 226 -23.89 13.88 12.56
N ARG B 227 -23.94 14.38 13.79
CA ARG B 227 -22.89 14.12 14.76
C ARG B 227 -22.67 12.63 15.00
N ASN B 228 -23.65 11.78 14.70
CA ASN B 228 -23.51 10.35 14.92
C ASN B 228 -22.75 9.64 13.80
N VAL B 229 -22.47 10.31 12.68
CA VAL B 229 -21.82 9.68 11.54
C VAL B 229 -20.35 10.06 11.52
N VAL B 230 -19.48 9.06 11.46
CA VAL B 230 -18.04 9.27 11.36
C VAL B 230 -17.52 8.43 10.20
N TYR B 231 -16.73 9.05 9.32
CA TYR B 231 -16.05 8.32 8.25
C TYR B 231 -14.59 8.16 8.60
N ALA B 232 -14.01 7.01 8.22
CA ALA B 232 -12.65 6.72 8.64
C ALA B 232 -11.93 5.89 7.58
N LEU B 233 -10.60 5.96 7.63
CA LEU B 233 -9.70 5.21 6.76
C LEU B 233 -8.75 4.41 7.63
N GLY B 234 -8.62 3.10 7.36
CA GLY B 234 -7.72 2.34 8.19
C GLY B 234 -7.30 1.02 7.59
N ILE B 235 -6.40 0.33 8.29
CA ILE B 235 -5.92 -1.00 7.93
C ILE B 235 -6.25 -1.95 9.08
N ASP B 236 -6.95 -3.04 8.76
CA ASP B 236 -7.18 -4.16 9.67
C ASP B 236 -5.91 -4.99 9.72
N LEU B 237 -5.17 -4.92 10.83
CA LEU B 237 -3.84 -5.53 10.84
C LEU B 237 -3.89 -7.05 10.93
N VAL B 238 -5.00 -7.60 11.40
CA VAL B 238 -5.17 -9.05 11.37
C VAL B 238 -5.44 -9.51 9.94
N GLU B 239 -6.27 -8.77 9.21
CA GLU B 239 -6.50 -9.11 7.80
C GLU B 239 -5.22 -8.99 6.99
N ALA B 240 -4.39 -7.99 7.30
CA ALA B 240 -3.13 -7.76 6.61
C ALA B 240 -1.99 -8.63 7.16
N ALA B 241 -2.30 -9.85 7.56
CA ALA B 241 -1.29 -10.75 8.08
C ALA B 241 -0.21 -10.99 7.03
N PRO B 242 1.07 -11.01 7.41
CA PRO B 242 2.13 -11.30 6.44
C PRO B 242 1.87 -12.61 5.70
N ASN B 243 2.20 -12.61 4.42
CA ASN B 243 2.05 -13.72 3.46
C ASN B 243 0.61 -13.85 2.96
N SER B 244 -0.37 -13.19 3.59
CA SER B 244 -1.72 -13.25 3.03
C SER B 244 -1.80 -12.52 1.70
N GLY B 245 -0.97 -11.49 1.52
CA GLY B 245 -1.10 -10.64 0.35
C GLY B 245 -2.28 -9.71 0.37
N ALA B 246 -3.10 -9.75 1.42
CA ALA B 246 -4.21 -8.81 1.59
C ALA B 246 -3.71 -7.54 2.28
N GLU B 247 -4.02 -6.39 1.69
CA GLU B 247 -3.57 -5.13 2.27
C GLU B 247 -4.34 -4.74 3.51
N GLY B 248 -5.60 -5.19 3.63
CA GLY B 248 -6.40 -4.86 4.80
C GLY B 248 -6.89 -3.44 4.87
N ARG B 249 -6.80 -2.68 3.78
CA ARG B 249 -7.11 -1.25 3.79
C ARG B 249 -8.55 -1.02 3.34
N HIS B 250 -9.30 -0.27 4.12
CA HIS B 250 -10.71 0.00 3.85
C HIS B 250 -11.07 1.41 4.28
N LEU B 251 -12.20 1.89 3.75
CA LEU B 251 -12.92 2.98 4.41
C LEU B 251 -14.00 2.37 5.29
N TYR B 252 -14.33 3.09 6.36
CA TYR B 252 -15.27 2.65 7.39
C TYR B 252 -16.24 3.77 7.70
N ARG B 253 -17.40 3.37 8.24
CA ARG B 253 -18.41 4.32 8.66
C ARG B 253 -18.94 3.90 10.02
N SER B 254 -19.03 4.85 10.93
CA SER B 254 -19.73 4.68 12.19
C SER B 254 -21.03 5.46 12.13
N THR B 255 -22.11 4.89 12.68
CA THR B 255 -23.38 5.59 12.82
C THR B 255 -23.75 5.84 14.28
N ASP B 256 -22.86 5.51 15.21
CA ASP B 256 -23.09 5.77 16.63
C ASP B 256 -22.03 6.70 17.21
N GLY B 257 -21.50 7.60 16.38
CA GLY B 257 -20.62 8.65 16.87
C GLY B 257 -19.17 8.24 17.04
N GLY B 258 -18.77 7.08 16.53
CA GLY B 258 -17.41 6.61 16.67
C GLY B 258 -17.20 5.46 17.63
N ARG B 259 -18.27 4.87 18.16
CA ARG B 259 -18.11 3.70 19.01
C ARG B 259 -17.91 2.41 18.21
N THR B 260 -18.67 2.22 17.13
CA THR B 260 -18.54 1.03 16.31
C THR B 260 -18.45 1.43 14.84
N TYR B 261 -17.66 0.68 14.08
CA TYR B 261 -17.47 0.94 12.66
C TYR B 261 -17.80 -0.29 11.82
N THR B 262 -18.17 -0.01 10.57
N THR B 262 -18.19 -0.02 10.57
CA THR B 262 -18.44 -1.04 9.56
CA THR B 262 -18.39 -1.08 9.58
C THR B 262 -17.64 -0.69 8.30
C THR B 262 -17.66 -0.70 8.30
N ARG B 263 -17.07 -1.70 7.64
CA ARG B 263 -16.40 -1.46 6.37
C ARG B 263 -17.40 -1.03 5.30
N ILE B 264 -17.04 0.00 4.52
CA ILE B 264 -17.92 0.46 3.46
C ILE B 264 -17.25 0.50 2.09
N VAL B 265 -15.93 0.63 2.04
CA VAL B 265 -15.21 0.65 0.76
C VAL B 265 -13.91 -0.14 0.92
N ASP B 266 -13.52 -0.87 -0.12
CA ASP B 266 -12.29 -1.65 -0.07
C ASP B 266 -11.28 -1.09 -1.05
N ASP B 267 -10.00 -1.27 -0.73
CA ASP B 267 -8.90 -0.79 -1.58
C ASP B 267 -8.79 -1.68 -2.81
N THR B 268 -9.25 -1.20 -3.96
CA THR B 268 -9.13 -1.91 -5.23
C THR B 268 -8.73 -0.91 -6.32
N PRO B 269 -8.32 -1.37 -7.50
CA PRO B 269 -8.07 -0.40 -8.58
C PRO B 269 -9.30 0.43 -8.93
N ASP B 270 -10.51 -0.08 -8.69
CA ASP B 270 -11.69 0.70 -9.03
C ASP B 270 -12.06 1.72 -7.95
N THR B 271 -11.68 1.45 -6.70
CA THR B 271 -11.87 2.41 -5.59
C THR B 271 -10.53 2.43 -4.87
N GLU B 272 -9.64 3.30 -5.35
CA GLU B 272 -8.23 3.27 -4.97
C GLU B 272 -8.02 4.03 -3.67
N LEU B 273 -7.55 3.33 -2.65
CA LEU B 273 -7.25 3.90 -1.34
C LEU B 273 -5.76 3.90 -1.08
N THR B 274 -5.33 4.81 -0.19
CA THR B 274 -3.95 4.86 0.30
C THR B 274 -4.02 5.15 1.80
N ASN B 275 -2.86 5.19 2.45
CA ASN B 275 -2.88 5.55 3.87
C ASN B 275 -3.18 7.02 4.11
N SER B 276 -3.32 7.81 3.03
N SER B 276 -3.33 7.83 3.06
CA SER B 276 -3.51 9.24 3.12
CA SER B 276 -3.60 9.26 3.23
C SER B 276 -4.78 9.73 2.41
C SER B 276 -4.74 9.72 2.33
N THR B 277 -5.66 8.82 1.99
CA THR B 277 -6.87 9.20 1.25
C THR B 277 -7.61 10.33 1.96
N LEU B 278 -7.92 11.37 1.19
CA LEU B 278 -8.65 12.51 1.72
C LEU B 278 -10.10 12.15 1.94
N LEU B 279 -10.65 12.52 3.10
CA LEU B 279 -12.05 12.28 3.43
C LEU B 279 -12.77 13.62 3.47
N ALA B 280 -13.88 13.71 2.74
CA ALA B 280 -14.67 14.94 2.67
C ALA B 280 -16.15 14.57 2.81
N PRO B 281 -16.64 14.42 4.04
CA PRO B 281 -18.07 14.11 4.21
C PRO B 281 -18.92 15.28 3.75
N SER B 282 -20.07 14.96 3.15
CA SER B 282 -21.00 16.01 2.79
C SER B 282 -21.43 16.77 4.03
N PRO B 283 -21.49 18.11 3.97
CA PRO B 283 -21.93 18.87 5.14
C PRO B 283 -23.43 18.82 5.37
N VAL B 284 -24.22 18.29 4.42
CA VAL B 284 -25.67 18.33 4.53
C VAL B 284 -26.28 16.94 4.49
N ASP B 285 -25.63 16.00 3.80
CA ASP B 285 -26.17 14.65 3.66
C ASP B 285 -25.32 13.67 4.45
N PRO B 286 -25.82 13.10 5.55
CA PRO B 286 -24.99 12.17 6.34
C PRO B 286 -24.61 10.91 5.60
N ASN B 287 -25.33 10.57 4.52
CA ASN B 287 -25.06 9.35 3.77
C ASN B 287 -23.87 9.47 2.83
N VAL B 288 -23.38 10.68 2.54
CA VAL B 288 -22.48 10.92 1.42
C VAL B 288 -21.08 11.25 1.92
N LEU B 289 -20.09 10.55 1.36
CA LEU B 289 -18.67 10.81 1.60
C LEU B 289 -17.98 10.97 0.26
N TYR B 290 -17.27 12.08 0.09
CA TYR B 290 -16.36 12.18 -1.06
C TYR B 290 -14.95 11.79 -0.63
N PHE B 291 -14.19 11.19 -1.56
CA PHE B 291 -12.78 10.93 -1.32
C PHE B 291 -12.07 10.96 -2.67
N GLU B 292 -10.75 10.93 -2.67
N GLU B 292 -10.75 10.83 -2.64
CA GLU B 292 -10.05 11.04 -3.94
CA GLU B 292 -9.94 11.08 -3.83
C GLU B 292 -8.81 10.16 -3.97
C GLU B 292 -8.82 10.06 -3.95
N TYR B 293 -8.37 9.87 -5.20
CA TYR B 293 -7.08 9.27 -5.48
C TYR B 293 -6.49 10.02 -6.66
N GLY B 294 -5.21 10.35 -6.60
CA GLY B 294 -4.56 10.97 -7.74
C GLY B 294 -3.07 10.71 -7.73
N THR B 295 -2.48 10.60 -8.92
CA THR B 295 -1.03 10.53 -9.00
C THR B 295 -0.57 11.16 -10.31
N TYR B 296 0.61 11.80 -10.25
CA TYR B 296 1.24 12.31 -11.47
C TYR B 296 1.93 11.21 -12.26
N PHE B 297 2.20 10.06 -11.65
CA PHE B 297 2.91 9.00 -12.38
C PHE B 297 2.05 8.47 -13.51
N GLN B 298 2.70 8.25 -14.68
CA GLN B 298 2.03 7.94 -15.96
C GLN B 298 0.95 8.94 -16.32
N ALA B 299 0.98 10.14 -15.75
CA ALA B 299 -0.08 11.12 -15.95
C ALA B 299 -1.44 10.47 -15.74
N TYR B 300 -1.52 9.60 -14.73
CA TYR B 300 -2.79 8.91 -14.47
C TYR B 300 -3.92 9.91 -14.20
N GLY B 301 -3.63 10.98 -13.45
CA GLY B 301 -4.66 11.94 -13.11
C GLY B 301 -5.32 11.63 -11.78
N THR B 302 -6.55 12.12 -11.64
CA THR B 302 -7.27 12.10 -10.37
C THR B 302 -8.65 11.51 -10.54
N ASP B 303 -9.01 10.60 -9.62
CA ASP B 303 -10.36 10.08 -9.49
C ASP B 303 -11.02 10.74 -8.29
N LEU B 304 -12.19 11.34 -8.50
CA LEU B 304 -12.99 11.90 -7.41
C LEU B 304 -14.17 10.98 -7.16
N TYR B 305 -14.23 10.39 -5.97
CA TYR B 305 -15.21 9.37 -5.63
C TYR B 305 -16.34 9.93 -4.77
N ARG B 306 -17.53 9.36 -4.93
N ARG B 306 -17.53 9.36 -4.93
CA ARG B 306 -18.71 9.75 -4.15
CA ARG B 306 -18.71 9.75 -4.15
C ARG B 306 -19.38 8.48 -3.64
C ARG B 306 -19.39 8.48 -3.64
N TYR B 307 -19.29 8.25 -2.33
CA TYR B 307 -19.99 7.15 -1.68
C TYR B 307 -21.34 7.64 -1.18
N ASP B 308 -22.37 6.79 -1.32
CA ASP B 308 -23.71 7.07 -0.83
C ASP B 308 -24.20 5.87 -0.02
N ALA B 309 -24.39 6.07 1.28
CA ALA B 309 -24.78 4.98 2.17
C ALA B 309 -26.17 4.44 1.87
N ARG B 310 -26.99 5.21 1.14
CA ARG B 310 -28.33 4.70 0.82
C ARG B 310 -28.26 3.37 0.10
N THR B 311 -27.30 3.22 -0.83
CA THR B 311 -27.09 1.97 -1.55
C THR B 311 -25.74 1.35 -1.27
N GLY B 312 -24.80 2.07 -0.69
CA GLY B 312 -23.45 1.59 -0.53
C GLY B 312 -22.59 1.72 -1.76
N LYS B 313 -23.10 2.32 -2.83
CA LYS B 313 -22.34 2.36 -4.07
C LYS B 313 -21.43 3.58 -4.10
N VAL B 314 -20.38 3.47 -4.91
CA VAL B 314 -19.39 4.52 -5.08
C VAL B 314 -19.40 4.91 -6.54
N GLY B 315 -19.65 6.19 -6.83
CA GLY B 315 -19.48 6.73 -8.16
C GLY B 315 -18.14 7.46 -8.25
N LYS B 316 -17.66 7.64 -9.48
CA LYS B 316 -16.42 8.37 -9.63
C LYS B 316 -16.40 9.15 -10.94
N THR B 317 -15.71 10.30 -10.88
CA THR B 317 -15.36 11.08 -12.04
C THR B 317 -13.84 11.19 -12.11
N HIS B 318 -13.32 11.56 -13.27
CA HIS B 318 -11.89 11.63 -13.46
C HIS B 318 -11.50 12.96 -14.07
N ASN B 319 -10.37 13.51 -13.63
CA ASN B 319 -9.80 14.71 -14.23
C ASN B 319 -8.30 14.53 -14.39
N ALA B 320 -7.67 15.46 -15.12
CA ALA B 320 -6.27 15.31 -15.50
C ALA B 320 -5.28 15.88 -14.48
N HIS B 321 -5.74 16.51 -13.41
CA HIS B 321 -4.80 17.04 -12.44
C HIS B 321 -4.12 15.92 -11.66
N ASP B 322 -2.95 16.23 -11.10
CA ASP B 322 -2.17 15.23 -10.39
C ASP B 322 -2.79 14.86 -9.05
N GLY B 323 -3.61 15.72 -8.48
CA GLY B 323 -4.32 15.37 -7.27
C GLY B 323 -5.26 16.48 -6.85
N ILE B 324 -6.20 16.12 -5.99
CA ILE B 324 -7.02 17.07 -5.24
C ILE B 324 -6.55 17.00 -3.79
N SER B 325 -6.08 18.14 -3.28
N SER B 325 -6.02 18.13 -3.28
CA SER B 325 -5.49 18.21 -1.95
CA SER B 325 -5.51 18.17 -1.91
C SER B 325 -6.45 18.70 -0.88
C SER B 325 -6.55 18.53 -0.87
N ALA B 326 -7.63 19.20 -1.27
CA ALA B 326 -8.59 19.71 -0.29
C ALA B 326 -9.92 19.92 -1.00
N ILE B 327 -11.00 19.81 -0.23
CA ILE B 327 -12.35 19.99 -0.73
C ILE B 327 -13.15 20.84 0.25
N ALA B 328 -13.86 21.85 -0.27
CA ALA B 328 -14.84 22.61 0.50
C ALA B 328 -16.15 22.68 -0.26
N PHE B 329 -17.24 22.95 0.47
CA PHE B 329 -18.58 22.99 -0.10
C PHE B 329 -19.19 24.37 0.01
N ASN B 330 -19.84 24.81 -1.07
CA ASN B 330 -20.61 26.05 -1.02
C ASN B 330 -21.76 25.90 -0.03
N PRO B 331 -21.85 26.75 1.00
CA PRO B 331 -22.89 26.57 2.02
C PRO B 331 -24.31 26.77 1.50
N ALA B 332 -24.49 27.61 0.48
CA ALA B 332 -25.82 27.85 -0.05
C ALA B 332 -26.24 26.78 -1.05
N ARG B 333 -25.29 26.18 -1.75
CA ARG B 333 -25.59 25.14 -2.73
C ARG B 333 -24.46 24.11 -2.67
N PRO B 334 -24.57 23.12 -1.78
CA PRO B 334 -23.44 22.21 -1.54
C PRO B 334 -23.06 21.36 -2.74
N SER B 335 -23.89 21.30 -3.79
CA SER B 335 -23.46 20.63 -5.01
C SER B 335 -22.32 21.38 -5.69
N VAL B 336 -22.09 22.64 -5.33
CA VAL B 336 -20.92 23.37 -5.77
C VAL B 336 -19.78 23.05 -4.82
N MET B 337 -18.73 22.41 -5.34
CA MET B 337 -17.62 21.95 -4.53
C MET B 337 -16.32 22.61 -4.99
N TYR B 338 -15.62 23.21 -4.04
CA TYR B 338 -14.33 23.84 -4.31
C TYR B 338 -13.22 22.81 -4.13
N LEU B 339 -12.30 22.77 -5.07
CA LEU B 339 -11.22 21.78 -5.13
C LEU B 339 -9.89 22.50 -5.10
N GLY B 340 -9.07 22.18 -4.10
CA GLY B 340 -7.69 22.63 -4.07
C GLY B 340 -6.82 21.57 -4.72
N LEU B 341 -5.91 21.99 -5.60
CA LEU B 341 -5.28 21.12 -6.57
C LEU B 341 -3.78 20.94 -6.32
N GLU B 342 -3.25 19.82 -6.84
CA GLU B 342 -1.82 19.52 -6.78
C GLU B 342 -1.26 19.47 -8.18
N GLU B 343 -0.02 19.95 -8.33
CA GLU B 343 0.73 19.81 -9.57
C GLU B 343 2.16 19.47 -9.23
N VAL B 344 2.62 18.29 -9.67
CA VAL B 344 3.99 17.84 -9.47
C VAL B 344 4.56 17.45 -10.82
N GLN B 345 5.73 18.00 -11.15
CA GLN B 345 6.36 17.74 -12.44
C GLN B 345 7.03 16.38 -12.44
N ILE B 346 6.70 15.56 -13.45
CA ILE B 346 7.32 14.25 -13.61
C ILE B 346 8.45 14.32 -14.62
C1 GOL C . 22.48 -5.16 -19.74
O1 GOL C . 23.46 -5.17 -20.76
C2 GOL C . 23.06 -5.96 -18.59
O2 GOL C . 24.25 -5.34 -18.15
C3 GOL C . 23.42 -7.33 -19.13
O3 GOL C . 24.00 -8.08 -18.11
C1 GOL D . 9.32 5.36 -15.51
O1 GOL D . 8.56 5.59 -16.67
C2 GOL D . 8.41 5.32 -14.30
O2 GOL D . 7.74 6.56 -14.15
C3 GOL D . 9.22 5.02 -13.06
O3 GOL D . 9.06 6.03 -12.09
C1 GOL E . -4.80 -22.04 -21.47
O1 GOL E . -4.16 -20.87 -21.95
C2 GOL E . -5.26 -22.92 -22.63
O2 GOL E . -4.13 -23.33 -23.37
C3 GOL E . -5.97 -24.17 -22.12
O3 GOL E . -5.81 -25.21 -23.07
C1 GOL F . -6.74 -28.51 0.71
O1 GOL F . -6.31 -29.61 -0.07
C2 GOL F . -5.78 -28.32 1.88
O2 GOL F . -6.26 -27.25 2.67
C3 GOL F . -5.75 -29.59 2.72
O3 GOL F . -5.71 -29.25 4.10
CA CA G . -1.38 0.04 -4.63
CA CA H . -13.48 -16.09 -5.16
C1 GOL I . -17.98 -4.83 1.67
O1 GOL I . -17.11 -4.98 0.57
C2 GOL I . -17.16 -4.28 2.84
O2 GOL I . -16.65 -3.04 2.45
C3 GOL I . -16.00 -5.21 3.12
O3 GOL I . -16.34 -6.12 4.15
C1 GOL J . -17.87 23.03 -13.38
O1 GOL J . -18.75 22.00 -12.97
C2 GOL J . -18.68 23.96 -14.28
O2 GOL J . -19.77 24.45 -13.52
C3 GOL J . -17.79 25.10 -14.76
O3 GOL J . -18.34 26.32 -14.34
C1 GOL K . -8.12 0.36 -13.32
O1 GOL K . -7.84 -0.55 -14.37
C2 GOL K . -9.14 1.39 -13.79
O2 GOL K . -10.09 1.59 -12.76
C3 GOL K . -8.45 2.70 -14.15
O3 GOL K . -9.11 3.80 -13.54
CA CA L . 0.57 17.30 -13.98
CA CA M . -4.35 1.22 -2.85
#